data_2LLF
#
_entry.id   2LLF
#
_entity_poly.entity_id   1
_entity_poly.type   'polypeptide(L)'
_entity_poly.pdbx_seq_one_letter_code
;PRLFECSNKTGRFLATEIVDFTQDDLDENDVYLLDTWDQIFFWIGKGANESEKEAAAETAQEYLRSHPGSRDLDTPIIVV
KQGFEPPTFTGWFMAWDPLCWSDRKSY
;
_entity_poly.pdbx_strand_id   A
#
# COMPACT_ATOMS: atom_id res chain seq x y z
N PRO A 1 5.97 -3.43 5.66
CA PRO A 1 6.89 -2.36 6.06
C PRO A 1 7.55 -1.70 4.86
N ARG A 2 7.78 -2.47 3.81
CA ARG A 2 8.41 -1.96 2.60
C ARG A 2 7.37 -1.70 1.52
N LEU A 3 7.54 -0.59 0.80
CA LEU A 3 6.61 -0.21 -0.25
C LEU A 3 6.99 -0.89 -1.57
N PHE A 4 6.17 -0.68 -2.60
CA PHE A 4 6.42 -1.26 -3.91
C PHE A 4 5.78 -0.43 -5.01
N GLU A 5 6.59 0.42 -5.65
CA GLU A 5 6.10 1.28 -6.72
C GLU A 5 6.19 0.57 -8.07
N CYS A 6 5.05 0.22 -8.63
CA CYS A 6 5.00 -0.47 -9.91
C CYS A 6 4.06 0.26 -10.88
N SER A 7 4.64 0.88 -11.90
CA SER A 7 3.87 1.62 -12.89
C SER A 7 4.40 1.36 -14.30
N ASN A 8 3.53 1.54 -15.29
CA ASN A 8 3.92 1.33 -16.69
C ASN A 8 4.39 2.62 -17.32
N LYS A 9 5.42 2.52 -18.15
CA LYS A 9 5.99 3.69 -18.83
C LYS A 9 5.06 4.15 -19.95
N THR A 10 4.77 3.26 -20.89
CA THR A 10 3.90 3.59 -22.01
C THR A 10 2.91 2.46 -22.28
N GLY A 11 3.43 1.26 -22.50
CA GLY A 11 2.57 0.12 -22.77
C GLY A 11 3.00 -1.12 -22.01
N ARG A 12 4.03 -0.98 -21.19
CA ARG A 12 4.55 -2.09 -20.40
C ARG A 12 4.58 -1.74 -18.92
N PHE A 13 4.14 -2.68 -18.09
CA PHE A 13 4.13 -2.46 -16.64
C PHE A 13 5.48 -2.79 -16.03
N LEU A 14 5.90 -1.98 -15.06
CA LEU A 14 7.19 -2.17 -14.40
C LEU A 14 6.99 -2.35 -12.89
N ALA A 15 7.63 -3.39 -12.34
CA ALA A 15 7.52 -3.66 -10.91
C ALA A 15 8.84 -3.36 -10.20
N THR A 16 8.79 -2.44 -9.23
CA THR A 16 9.97 -2.05 -8.48
C THR A 16 9.65 -1.89 -7.00
N GLU A 17 10.53 -2.43 -6.14
CA GLU A 17 10.34 -2.35 -4.70
C GLU A 17 10.94 -1.07 -4.14
N ILE A 18 10.31 -0.53 -3.10
CA ILE A 18 10.79 0.69 -2.47
C ILE A 18 10.92 0.53 -0.97
N VAL A 19 12.15 0.61 -0.47
CA VAL A 19 12.42 0.47 0.96
C VAL A 19 11.44 1.30 1.78
N ASP A 20 11.14 0.83 2.99
CA ASP A 20 10.23 1.53 3.87
C ASP A 20 10.50 3.03 3.87
N PHE A 21 9.76 3.77 3.06
CA PHE A 21 9.93 5.22 2.97
C PHE A 21 8.73 5.95 3.58
N THR A 22 8.82 7.28 3.62
CA THR A 22 7.75 8.09 4.18
C THR A 22 6.81 8.58 3.10
N GLN A 23 5.83 9.40 3.49
CA GLN A 23 4.86 9.94 2.55
C GLN A 23 5.51 10.95 1.61
N ASP A 24 6.66 11.48 2.04
CA ASP A 24 7.38 12.46 1.24
C ASP A 24 7.70 11.92 -0.14
N ASP A 25 8.23 10.70 -0.19
CA ASP A 25 8.57 10.07 -1.46
C ASP A 25 7.33 9.49 -2.14
N LEU A 26 6.22 9.49 -1.41
CA LEU A 26 4.97 8.97 -1.95
C LEU A 26 4.53 9.77 -3.18
N ASP A 27 4.77 9.21 -4.35
CA ASP A 27 4.39 9.85 -5.60
C ASP A 27 2.93 10.29 -5.57
N GLU A 28 2.54 11.10 -6.56
CA GLU A 28 1.17 11.59 -6.64
C GLU A 28 0.20 10.44 -6.89
N ASN A 29 0.31 9.82 -8.07
CA ASN A 29 -0.56 8.71 -8.44
C ASN A 29 0.26 7.50 -8.86
N ASP A 30 0.41 6.55 -7.94
CA ASP A 30 1.17 5.34 -8.22
C ASP A 30 0.59 4.15 -7.44
N VAL A 31 1.04 2.95 -7.79
CA VAL A 31 0.58 1.73 -7.13
C VAL A 31 1.59 1.26 -6.10
N TYR A 32 1.26 1.42 -4.82
CA TYR A 32 2.13 1.00 -3.74
C TYR A 32 1.56 -0.21 -3.00
N LEU A 33 2.42 -0.93 -2.29
CA LEU A 33 2.00 -2.10 -1.55
C LEU A 33 2.62 -2.12 -0.16
N LEU A 34 1.78 -1.93 0.86
CA LEU A 34 2.24 -1.92 2.24
C LEU A 34 1.72 -3.13 3.01
N ASP A 35 2.57 -4.15 3.14
CA ASP A 35 2.19 -5.36 3.84
C ASP A 35 2.45 -5.23 5.34
N THR A 36 1.36 -5.19 6.11
CA THR A 36 1.47 -5.05 7.56
C THR A 36 1.15 -6.38 8.26
N TRP A 37 1.21 -6.36 9.59
CA TRP A 37 0.92 -7.55 10.37
C TRP A 37 -0.54 -7.97 10.24
N ASP A 38 -1.44 -7.05 10.52
CA ASP A 38 -2.87 -7.32 10.44
C ASP A 38 -3.27 -7.67 9.01
N GLN A 39 -2.79 -6.88 8.05
CA GLN A 39 -3.09 -7.12 6.65
C GLN A 39 -2.37 -6.12 5.75
N ILE A 40 -2.30 -6.43 4.46
CA ILE A 40 -1.64 -5.55 3.50
C ILE A 40 -2.57 -4.45 3.02
N PHE A 41 -2.12 -3.20 3.14
CA PHE A 41 -2.92 -2.05 2.71
C PHE A 41 -2.62 -1.69 1.27
N PHE A 42 -3.61 -1.87 0.39
CA PHE A 42 -3.45 -1.56 -1.02
C PHE A 42 -3.88 -0.11 -1.31
N TRP A 43 -2.90 0.74 -1.56
CA TRP A 43 -3.18 2.14 -1.85
C TRP A 43 -3.18 2.40 -3.36
N ILE A 44 -4.35 2.69 -3.91
CA ILE A 44 -4.49 2.94 -5.33
C ILE A 44 -4.96 4.37 -5.60
N GLY A 45 -4.14 5.15 -6.29
CA GLY A 45 -4.50 6.52 -6.59
C GLY A 45 -5.45 6.63 -7.77
N LYS A 46 -5.55 7.83 -8.34
CA LYS A 46 -6.43 8.06 -9.49
C LYS A 46 -5.67 7.90 -10.79
N GLY A 47 -4.39 8.26 -10.78
CA GLY A 47 -3.57 8.15 -11.97
C GLY A 47 -3.13 6.73 -12.25
N ALA A 48 -2.96 5.95 -11.19
CA ALA A 48 -2.54 4.55 -11.32
C ALA A 48 -3.41 3.82 -12.34
N ASN A 49 -2.77 3.25 -13.36
CA ASN A 49 -3.48 2.51 -14.39
C ASN A 49 -4.20 1.30 -13.81
N GLU A 50 -5.11 0.73 -14.58
CA GLU A 50 -5.86 -0.43 -14.15
C GLU A 50 -4.99 -1.68 -14.14
N SER A 51 -4.04 -1.73 -15.06
CA SER A 51 -3.14 -2.87 -15.16
C SER A 51 -2.10 -2.85 -14.04
N GLU A 52 -1.54 -1.67 -13.78
CA GLU A 52 -0.53 -1.51 -12.73
C GLU A 52 -1.04 -2.08 -11.41
N LYS A 53 -2.26 -1.69 -11.04
CA LYS A 53 -2.86 -2.16 -9.80
C LYS A 53 -3.03 -3.68 -9.80
N GLU A 54 -3.22 -4.23 -10.99
CA GLU A 54 -3.40 -5.68 -11.15
C GLU A 54 -2.07 -6.40 -11.03
N ALA A 55 -1.11 -6.01 -11.87
CA ALA A 55 0.22 -6.63 -11.85
C ALA A 55 0.91 -6.40 -10.52
N ALA A 56 0.93 -5.15 -10.06
CA ALA A 56 1.56 -4.81 -8.80
C ALA A 56 0.91 -5.55 -7.64
N ALA A 57 -0.35 -5.93 -7.81
CA ALA A 57 -1.08 -6.65 -6.79
C ALA A 57 -0.60 -8.09 -6.67
N GLU A 58 -0.39 -8.73 -7.82
CA GLU A 58 0.07 -10.12 -7.85
C GLU A 58 1.55 -10.20 -7.49
N THR A 59 2.34 -9.26 -8.01
CA THR A 59 3.77 -9.23 -7.75
C THR A 59 4.06 -9.17 -6.26
N ALA A 60 3.18 -8.49 -5.52
CA ALA A 60 3.34 -8.35 -4.07
C ALA A 60 3.12 -9.69 -3.38
N GLN A 61 2.11 -10.43 -3.83
CA GLN A 61 1.79 -11.72 -3.24
C GLN A 61 3.03 -12.61 -3.17
N GLU A 62 3.94 -12.44 -4.13
CA GLU A 62 5.16 -13.22 -4.18
C GLU A 62 5.97 -13.04 -2.89
N TYR A 63 6.01 -11.81 -2.39
CA TYR A 63 6.75 -11.50 -1.17
C TYR A 63 6.03 -12.06 0.05
N LEU A 64 4.70 -11.95 0.06
CA LEU A 64 3.90 -12.44 1.18
C LEU A 64 4.22 -13.90 1.47
N ARG A 65 4.55 -14.66 0.43
CA ARG A 65 4.89 -16.07 0.58
C ARG A 65 6.04 -16.25 1.56
N SER A 66 6.86 -15.21 1.71
CA SER A 66 8.01 -15.26 2.60
C SER A 66 7.56 -15.13 4.06
N HIS A 67 6.42 -14.49 4.27
CA HIS A 67 5.88 -14.29 5.61
C HIS A 67 5.31 -15.60 6.16
N PRO A 68 5.15 -15.67 7.49
CA PRO A 68 4.62 -16.85 8.18
C PRO A 68 3.13 -17.05 7.89
N GLY A 69 2.49 -17.86 8.72
CA GLY A 69 1.07 -18.13 8.56
C GLY A 69 0.81 -19.18 7.50
N SER A 70 -0.41 -19.72 7.50
CA SER A 70 -0.79 -20.75 6.54
C SER A 70 -1.69 -20.17 5.45
N ARG A 71 -2.95 -19.91 5.82
CA ARG A 71 -3.90 -19.35 4.88
C ARG A 71 -4.08 -17.85 5.10
N ASP A 72 -3.09 -17.23 5.72
CA ASP A 72 -3.13 -15.80 5.98
C ASP A 72 -3.32 -15.00 4.70
N LEU A 73 -2.96 -15.60 3.57
CA LEU A 73 -3.09 -14.96 2.28
C LEU A 73 -4.55 -14.83 1.88
N ASP A 74 -5.38 -15.73 2.40
CA ASP A 74 -6.80 -15.74 2.09
C ASP A 74 -7.46 -14.44 2.56
N THR A 75 -6.93 -13.87 3.65
CA THR A 75 -7.47 -12.63 4.19
C THR A 75 -7.57 -11.56 3.12
N PRO A 76 -8.73 -10.88 3.07
CA PRO A 76 -8.99 -9.82 2.09
C PRO A 76 -8.16 -8.57 2.38
N ILE A 77 -8.00 -7.74 1.36
CA ILE A 77 -7.24 -6.50 1.50
C ILE A 77 -8.16 -5.28 1.50
N ILE A 78 -7.79 -4.27 2.29
CA ILE A 78 -8.58 -3.05 2.38
C ILE A 78 -8.23 -2.08 1.26
N VAL A 79 -9.05 -2.06 0.22
CA VAL A 79 -8.82 -1.17 -0.91
C VAL A 79 -8.90 0.30 -0.49
N VAL A 80 -8.04 1.12 -1.07
CA VAL A 80 -8.02 2.55 -0.75
C VAL A 80 -8.12 3.39 -2.02
N LYS A 81 -8.88 4.48 -1.94
CA LYS A 81 -9.06 5.37 -3.07
C LYS A 81 -8.23 6.64 -2.91
N GLN A 82 -8.07 7.39 -3.99
CA GLN A 82 -7.30 8.62 -3.97
C GLN A 82 -8.11 9.76 -3.35
N GLY A 83 -7.65 10.23 -2.19
CA GLY A 83 -8.33 11.32 -1.51
C GLY A 83 -8.76 10.94 -0.11
N PHE A 84 -8.23 9.82 0.39
CA PHE A 84 -8.56 9.36 1.73
C PHE A 84 -7.33 8.82 2.45
N GLU A 85 -6.89 9.54 3.48
CA GLU A 85 -5.71 9.15 4.24
C GLU A 85 -6.07 8.90 5.70
N PRO A 86 -6.43 7.65 6.02
CA PRO A 86 -6.80 7.25 7.38
C PRO A 86 -5.61 7.26 8.33
N PRO A 87 -5.86 7.65 9.59
CA PRO A 87 -4.81 7.71 10.62
C PRO A 87 -4.34 6.31 11.04
N THR A 88 -5.10 5.30 10.67
CA THR A 88 -4.76 3.92 11.00
C THR A 88 -3.62 3.41 10.13
N PHE A 89 -3.74 3.61 8.82
CA PHE A 89 -2.73 3.18 7.88
C PHE A 89 -1.39 3.84 8.17
N THR A 90 -1.41 5.15 8.39
CA THR A 90 -0.21 5.91 8.68
C THR A 90 0.59 5.27 9.81
N GLY A 91 -0.13 4.71 10.79
CA GLY A 91 0.52 4.07 11.91
C GLY A 91 1.48 2.98 11.48
N TRP A 92 1.29 2.46 10.26
CA TRP A 92 2.13 1.40 9.74
C TRP A 92 3.52 1.93 9.40
N PHE A 93 3.67 3.25 9.44
CA PHE A 93 4.95 3.89 9.14
C PHE A 93 5.77 4.07 10.41
N MET A 94 7.03 4.50 10.24
CA MET A 94 7.91 4.71 11.37
C MET A 94 7.70 6.10 11.98
N ALA A 95 7.07 6.99 11.22
CA ALA A 95 6.81 8.33 11.68
C ALA A 95 5.34 8.51 12.04
N TRP A 96 5.05 8.61 13.33
CA TRP A 96 3.69 8.78 13.81
C TRP A 96 3.00 9.95 13.09
N ASP A 97 1.67 9.98 13.16
CA ASP A 97 0.90 11.03 12.51
C ASP A 97 0.07 11.79 13.54
N PRO A 98 0.04 13.13 13.39
CA PRO A 98 -0.71 14.00 14.31
C PRO A 98 -2.22 13.84 14.14
N LEU A 99 -2.63 13.13 13.10
CA LEU A 99 -4.05 12.92 12.84
C LEU A 99 -4.54 11.65 13.53
N CYS A 100 -3.72 11.11 14.42
CA CYS A 100 -4.07 9.90 15.15
C CYS A 100 -5.16 10.18 16.18
N TRP A 101 -5.40 11.46 16.44
CA TRP A 101 -6.42 11.87 17.40
C TRP A 101 -7.76 12.09 16.71
N SER A 102 -7.89 11.58 15.49
CA SER A 102 -9.12 11.74 14.72
C SER A 102 -10.28 11.04 15.43
N ASP A 103 -9.95 10.17 16.38
CA ASP A 103 -10.97 9.44 17.13
C ASP A 103 -11.13 10.03 18.53
N ARG A 104 -10.03 10.48 19.10
CA ARG A 104 -10.04 11.06 20.44
C ARG A 104 -11.03 12.22 20.52
N LYS A 105 -11.24 12.89 19.39
CA LYS A 105 -12.16 14.01 19.33
C LYS A 105 -13.58 13.58 19.68
N SER A 106 -13.84 12.28 19.58
CA SER A 106 -15.15 11.74 19.89
C SER A 106 -15.06 10.62 20.92
N TYR A 107 -16.21 10.09 21.32
CA TYR A 107 -16.25 9.01 22.31
C TYR A 107 -15.74 7.71 21.71
N PRO A 1 6.17 -4.02 5.62
CA PRO A 1 7.18 -3.16 6.24
C PRO A 1 7.72 -2.11 5.28
N ARG A 2 7.92 -2.50 4.03
CA ARG A 2 8.43 -1.60 3.01
C ARG A 2 7.36 -1.29 1.96
N LEU A 3 7.73 -0.49 0.97
CA LEU A 3 6.80 -0.12 -0.09
C LEU A 3 7.21 -0.76 -1.42
N PHE A 4 6.37 -0.59 -2.44
CA PHE A 4 6.64 -1.13 -3.76
C PHE A 4 5.95 -0.31 -4.85
N GLU A 5 6.72 0.53 -5.51
CA GLU A 5 6.18 1.38 -6.57
C GLU A 5 6.27 0.67 -7.92
N CYS A 6 5.11 0.35 -8.48
CA CYS A 6 5.05 -0.34 -9.77
C CYS A 6 4.14 0.42 -10.74
N SER A 7 4.75 1.03 -11.76
CA SER A 7 3.98 1.78 -12.75
C SER A 7 4.51 1.51 -14.16
N ASN A 8 3.65 1.70 -15.15
CA ASN A 8 4.03 1.48 -16.54
C ASN A 8 4.55 2.77 -17.18
N LYS A 9 5.58 2.64 -18.01
CA LYS A 9 6.17 3.79 -18.68
C LYS A 9 5.26 4.28 -19.80
N THR A 10 4.95 3.40 -20.74
CA THR A 10 4.09 3.75 -21.87
C THR A 10 3.06 2.65 -22.13
N GLY A 11 3.55 1.44 -22.36
CA GLY A 11 2.65 0.32 -22.63
C GLY A 11 3.05 -0.93 -21.87
N ARG A 12 4.09 -0.82 -21.05
CA ARG A 12 4.57 -1.95 -20.26
C ARG A 12 4.62 -1.60 -18.79
N PHE A 13 4.16 -2.53 -17.94
CA PHE A 13 4.14 -2.31 -16.51
C PHE A 13 5.49 -2.67 -15.89
N LEU A 14 5.93 -1.86 -14.92
CA LEU A 14 7.20 -2.10 -14.26
C LEU A 14 7.00 -2.27 -12.75
N ALA A 15 7.61 -3.32 -12.20
CA ALA A 15 7.51 -3.59 -10.77
C ALA A 15 8.82 -3.30 -10.06
N THR A 16 8.79 -2.39 -9.09
CA THR A 16 9.99 -2.03 -8.34
C THR A 16 9.68 -1.95 -6.84
N GLU A 17 10.72 -2.12 -6.03
CA GLU A 17 10.57 -2.07 -4.58
C GLU A 17 11.13 -0.76 -4.02
N ILE A 18 10.49 -0.26 -2.97
CA ILE A 18 10.93 0.97 -2.33
C ILE A 18 10.97 0.83 -0.81
N VAL A 19 12.16 0.93 -0.25
CA VAL A 19 12.33 0.81 1.20
C VAL A 19 11.32 1.68 1.94
N ASP A 20 10.94 1.23 3.14
CA ASP A 20 9.99 1.97 3.95
C ASP A 20 10.29 3.46 3.93
N PHE A 21 9.60 4.19 3.06
CA PHE A 21 9.80 5.63 2.95
C PHE A 21 8.58 6.39 3.46
N THR A 22 8.69 7.71 3.50
CA THR A 22 7.60 8.56 3.97
C THR A 22 6.75 9.06 2.80
N GLN A 23 5.80 9.95 3.11
CA GLN A 23 4.93 10.51 2.09
C GLN A 23 5.71 11.45 1.16
N ASP A 24 6.86 11.92 1.64
CA ASP A 24 7.68 12.83 0.86
C ASP A 24 8.01 12.23 -0.50
N ASP A 25 8.42 10.95 -0.50
CA ASP A 25 8.78 10.27 -1.73
C ASP A 25 7.54 9.65 -2.38
N LEU A 26 6.45 9.59 -1.62
CA LEU A 26 5.20 9.03 -2.12
C LEU A 26 4.64 9.87 -3.26
N ASP A 27 4.83 9.38 -4.49
CA ASP A 27 4.34 10.09 -5.67
C ASP A 27 2.87 10.47 -5.51
N GLU A 28 2.39 11.32 -6.41
CA GLU A 28 1.00 11.77 -6.37
C GLU A 28 0.05 10.61 -6.62
N ASN A 29 0.14 10.02 -7.81
CA ASN A 29 -0.71 8.90 -8.19
C ASN A 29 0.13 7.71 -8.64
N ASP A 30 0.30 6.74 -7.74
CA ASP A 30 1.09 5.54 -8.07
C ASP A 30 0.55 4.33 -7.31
N VAL A 31 1.01 3.15 -7.70
CA VAL A 31 0.57 1.91 -7.07
C VAL A 31 1.62 1.40 -6.08
N TYR A 32 1.31 1.53 -4.79
CA TYR A 32 2.22 1.07 -3.75
C TYR A 32 1.72 -0.22 -3.11
N LEU A 33 2.58 -0.83 -2.30
CA LEU A 33 2.23 -2.08 -1.62
C LEU A 33 2.81 -2.11 -0.22
N LEU A 34 1.93 -2.06 0.78
CA LEU A 34 2.37 -2.08 2.18
C LEU A 34 1.85 -3.34 2.88
N ASP A 35 2.75 -4.28 3.13
CA ASP A 35 2.39 -5.53 3.79
C ASP A 35 2.62 -5.42 5.30
N THR A 36 1.52 -5.45 6.06
CA THR A 36 1.60 -5.35 7.51
C THR A 36 1.36 -6.70 8.17
N TRP A 37 1.50 -6.76 9.49
CA TRP A 37 1.29 -7.99 10.23
C TRP A 37 -0.17 -8.41 10.19
N ASP A 38 -1.07 -7.43 10.22
CA ASP A 38 -2.50 -7.70 10.19
C ASP A 38 -2.96 -7.99 8.77
N GLN A 39 -2.53 -7.15 7.83
CA GLN A 39 -2.90 -7.32 6.43
C GLN A 39 -2.19 -6.29 5.55
N ILE A 40 -2.18 -6.53 4.25
CA ILE A 40 -1.54 -5.62 3.31
C ILE A 40 -2.51 -4.52 2.86
N PHE A 41 -2.05 -3.28 2.93
CA PHE A 41 -2.86 -2.14 2.54
C PHE A 41 -2.59 -1.75 1.08
N PHE A 42 -3.60 -1.91 0.24
CA PHE A 42 -3.48 -1.58 -1.18
C PHE A 42 -3.90 -0.14 -1.44
N TRP A 43 -2.91 0.72 -1.70
CA TRP A 43 -3.18 2.13 -1.96
C TRP A 43 -3.20 2.41 -3.46
N ILE A 44 -4.39 2.67 -3.98
CA ILE A 44 -4.55 2.95 -5.41
C ILE A 44 -5.07 4.37 -5.64
N GLY A 45 -4.21 5.23 -6.16
CA GLY A 45 -4.60 6.61 -6.42
C GLY A 45 -5.56 6.72 -7.59
N LYS A 46 -5.70 7.94 -8.12
CA LYS A 46 -6.59 8.19 -9.25
C LYS A 46 -5.83 8.11 -10.57
N GLY A 47 -4.55 8.47 -10.52
CA GLY A 47 -3.73 8.44 -11.72
C GLY A 47 -3.24 7.04 -12.05
N ALA A 48 -3.03 6.23 -11.02
CA ALA A 48 -2.56 4.86 -11.21
C ALA A 48 -3.39 4.13 -12.26
N ASN A 49 -2.73 3.54 -13.23
CA ASN A 49 -3.41 2.81 -14.30
C ASN A 49 -4.13 1.60 -13.75
N GLU A 50 -5.04 1.05 -14.55
CA GLU A 50 -5.81 -0.13 -14.14
C GLU A 50 -4.94 -1.38 -14.13
N SER A 51 -3.97 -1.42 -15.05
CA SER A 51 -3.07 -2.56 -15.16
C SER A 51 -2.06 -2.57 -14.02
N GLU A 52 -1.49 -1.40 -13.73
CA GLU A 52 -0.51 -1.27 -12.66
C GLU A 52 -1.03 -1.86 -11.36
N LYS A 53 -2.25 -1.47 -11.00
CA LYS A 53 -2.88 -1.96 -9.77
C LYS A 53 -3.06 -3.46 -9.82
N GLU A 54 -3.24 -3.99 -11.02
CA GLU A 54 -3.43 -5.43 -11.21
C GLU A 54 -2.10 -6.18 -11.08
N ALA A 55 -1.14 -5.79 -11.90
CA ALA A 55 0.18 -6.41 -11.88
C ALA A 55 0.86 -6.22 -10.53
N ALA A 56 0.88 -4.98 -10.06
CA ALA A 56 1.50 -4.66 -8.78
C ALA A 56 0.84 -5.43 -7.65
N ALA A 57 -0.43 -5.79 -7.84
CA ALA A 57 -1.17 -6.52 -6.83
C ALA A 57 -0.72 -7.97 -6.75
N GLU A 58 -0.54 -8.61 -7.91
CA GLU A 58 -0.10 -10.00 -7.97
C GLU A 58 1.37 -10.11 -7.59
N THR A 59 2.16 -9.14 -8.03
CA THR A 59 3.60 -9.14 -7.75
C THR A 59 3.85 -9.15 -6.24
N ALA A 60 2.97 -8.51 -5.49
CA ALA A 60 3.10 -8.46 -4.04
C ALA A 60 2.87 -9.82 -3.41
N GLN A 61 1.88 -10.54 -3.92
CA GLN A 61 1.56 -11.86 -3.41
C GLN A 61 2.79 -12.75 -3.36
N GLU A 62 3.71 -12.53 -4.29
CA GLU A 62 4.94 -13.31 -4.35
C GLU A 62 5.72 -13.19 -3.05
N TYR A 63 5.74 -11.98 -2.49
CA TYR A 63 6.46 -11.73 -1.25
C TYR A 63 5.72 -12.34 -0.06
N LEU A 64 4.40 -12.24 -0.07
CA LEU A 64 3.58 -12.79 1.00
C LEU A 64 3.91 -14.27 1.23
N ARG A 65 4.12 -15.00 0.15
CA ARG A 65 4.43 -16.42 0.22
C ARG A 65 5.83 -16.63 0.83
N SER A 66 6.69 -15.63 0.68
CA SER A 66 8.04 -15.71 1.19
C SER A 66 8.04 -15.84 2.71
N HIS A 67 6.98 -15.33 3.34
CA HIS A 67 6.84 -15.38 4.79
C HIS A 67 5.90 -16.50 5.21
N PRO A 68 5.99 -16.92 6.48
CA PRO A 68 5.15 -17.98 7.04
C PRO A 68 3.70 -17.53 7.19
N GLY A 69 2.94 -18.29 8.00
CA GLY A 69 1.54 -17.96 8.22
C GLY A 69 0.61 -19.02 7.68
N SER A 70 -0.64 -18.97 8.12
CA SER A 70 -1.64 -19.95 7.69
C SER A 70 -2.59 -19.33 6.67
N ARG A 71 -3.50 -18.49 7.14
CA ARG A 71 -4.47 -17.83 6.28
C ARG A 71 -4.11 -16.36 6.07
N ASP A 72 -2.84 -16.03 6.28
CA ASP A 72 -2.36 -14.67 6.13
C ASP A 72 -2.63 -14.16 4.71
N LEU A 73 -2.78 -15.09 3.77
CA LEU A 73 -3.03 -14.74 2.38
C LEU A 73 -4.53 -14.76 2.07
N ASP A 74 -5.27 -15.60 2.79
CA ASP A 74 -6.70 -15.71 2.60
C ASP A 74 -7.41 -14.44 3.04
N THR A 75 -6.79 -13.72 3.98
CA THR A 75 -7.36 -12.48 4.50
C THR A 75 -7.52 -11.45 3.39
N PRO A 76 -8.70 -10.81 3.34
CA PRO A 76 -9.01 -9.78 2.35
C PRO A 76 -8.20 -8.50 2.56
N ILE A 77 -7.91 -7.80 1.46
CA ILE A 77 -7.16 -6.57 1.53
C ILE A 77 -8.08 -5.36 1.57
N ILE A 78 -7.69 -4.34 2.33
CA ILE A 78 -8.50 -3.12 2.45
C ILE A 78 -8.19 -2.15 1.31
N VAL A 79 -9.04 -2.14 0.30
CA VAL A 79 -8.87 -1.26 -0.84
C VAL A 79 -8.92 0.20 -0.43
N VAL A 80 -8.09 1.03 -1.05
CA VAL A 80 -8.04 2.45 -0.74
C VAL A 80 -8.22 3.29 -2.00
N LYS A 81 -8.84 4.46 -1.84
CA LYS A 81 -9.07 5.36 -2.97
C LYS A 81 -8.24 6.64 -2.82
N GLN A 82 -8.14 7.38 -3.91
CA GLN A 82 -7.37 8.63 -3.90
C GLN A 82 -8.16 9.75 -3.24
N GLY A 83 -7.67 10.22 -2.09
CA GLY A 83 -8.34 11.28 -1.38
C GLY A 83 -8.71 10.88 0.04
N PHE A 84 -8.16 9.77 0.51
CA PHE A 84 -8.44 9.28 1.85
C PHE A 84 -7.16 8.74 2.51
N GLU A 85 -6.69 9.44 3.53
CA GLU A 85 -5.48 9.03 4.23
C GLU A 85 -5.78 8.77 5.71
N PRO A 86 -6.13 7.52 6.03
CA PRO A 86 -6.45 7.11 7.40
C PRO A 86 -5.22 7.10 8.30
N PRO A 87 -5.40 7.52 9.55
CA PRO A 87 -4.31 7.57 10.54
C PRO A 87 -3.87 6.18 10.98
N THR A 88 -4.69 5.18 10.68
CA THR A 88 -4.38 3.80 11.04
C THR A 88 -3.30 3.22 10.13
N PHE A 89 -3.47 3.40 8.82
CA PHE A 89 -2.51 2.90 7.86
C PHE A 89 -1.12 3.52 8.10
N THR A 90 -1.09 4.83 8.29
CA THR A 90 0.17 5.53 8.52
C THR A 90 0.97 4.87 9.64
N GLY A 91 0.26 4.36 10.65
CA GLY A 91 0.93 3.70 11.76
C GLY A 91 1.83 2.56 11.31
N TRP A 92 1.56 2.04 10.12
CA TRP A 92 2.34 0.95 9.58
C TRP A 92 3.74 1.41 9.18
N PHE A 93 3.93 2.72 9.19
CA PHE A 93 5.22 3.31 8.82
C PHE A 93 6.01 3.72 10.07
N MET A 94 7.25 4.12 9.86
CA MET A 94 8.11 4.55 10.97
C MET A 94 7.72 5.94 11.45
N ALA A 95 6.97 6.67 10.62
CA ALA A 95 6.54 8.01 10.97
C ALA A 95 5.04 8.04 11.30
N TRP A 96 4.73 8.21 12.58
CA TRP A 96 3.34 8.26 13.02
C TRP A 96 2.62 9.46 12.43
N ASP A 97 1.29 9.42 12.46
CA ASP A 97 0.48 10.51 11.92
C ASP A 97 -0.21 11.27 13.05
N PRO A 98 -0.23 12.60 12.93
CA PRO A 98 -0.85 13.48 13.93
C PRO A 98 -2.38 13.37 13.94
N LEU A 99 -2.91 12.66 12.94
CA LEU A 99 -4.35 12.47 12.82
C LEU A 99 -4.81 11.22 13.58
N CYS A 100 -3.91 10.68 14.40
CA CYS A 100 -4.22 9.49 15.17
C CYS A 100 -5.34 9.75 16.16
N TRP A 101 -5.60 11.04 16.43
CA TRP A 101 -6.65 11.42 17.36
C TRP A 101 -7.96 11.66 16.63
N SER A 102 -8.04 11.20 15.38
CA SER A 102 -9.24 11.36 14.58
C SER A 102 -10.42 10.61 15.20
N ASP A 103 -10.12 9.71 16.13
CA ASP A 103 -11.15 8.94 16.80
C ASP A 103 -11.56 9.59 18.12
N ARG A 104 -10.57 10.10 18.85
CA ARG A 104 -10.83 10.75 20.13
C ARG A 104 -11.82 11.90 19.97
N LYS A 105 -11.78 12.53 18.80
CA LYS A 105 -12.67 13.65 18.51
C LYS A 105 -14.10 13.17 18.28
N SER A 106 -14.24 11.89 17.95
CA SER A 106 -15.55 11.30 17.69
C SER A 106 -16.01 10.47 18.89
N TYR A 107 -17.32 10.25 18.97
CA TYR A 107 -17.90 9.47 20.06
C TYR A 107 -17.73 7.98 19.81
N PRO A 1 7.27 -4.17 5.88
CA PRO A 1 7.30 -2.78 6.33
C PRO A 1 7.90 -1.84 5.28
N ARG A 2 7.89 -2.28 4.02
CA ARG A 2 8.43 -1.48 2.93
C ARG A 2 7.37 -1.22 1.87
N LEU A 3 7.70 -0.37 0.90
CA LEU A 3 6.77 -0.04 -0.17
C LEU A 3 7.17 -0.72 -1.47
N PHE A 4 6.37 -0.52 -2.51
CA PHE A 4 6.65 -1.10 -3.81
C PHE A 4 6.02 -0.27 -4.93
N GLU A 5 6.85 0.53 -5.59
CA GLU A 5 6.39 1.38 -6.68
C GLU A 5 6.46 0.65 -8.01
N CYS A 6 5.30 0.35 -8.58
CA CYS A 6 5.22 -0.36 -9.85
C CYS A 6 4.35 0.40 -10.84
N SER A 7 4.97 0.97 -11.87
CA SER A 7 4.26 1.73 -12.88
C SER A 7 4.79 1.41 -14.28
N ASN A 8 3.95 1.62 -15.29
CA ASN A 8 4.32 1.35 -16.67
C ASN A 8 4.90 2.60 -17.33
N LYS A 9 5.94 2.41 -18.14
CA LYS A 9 6.58 3.53 -18.83
C LYS A 9 5.70 4.03 -19.97
N THR A 10 5.38 3.14 -20.90
CA THR A 10 4.55 3.49 -22.05
C THR A 10 3.50 2.42 -22.31
N GLY A 11 3.95 1.18 -22.50
CA GLY A 11 3.04 0.09 -22.77
C GLY A 11 3.37 -1.15 -21.97
N ARG A 12 4.40 -1.06 -21.14
CA ARG A 12 4.83 -2.18 -20.32
C ARG A 12 4.86 -1.80 -18.84
N PHE A 13 4.37 -2.70 -17.99
CA PHE A 13 4.34 -2.45 -16.56
C PHE A 13 5.67 -2.84 -15.91
N LEU A 14 6.11 -2.03 -14.96
CA LEU A 14 7.37 -2.29 -14.25
C LEU A 14 7.13 -2.43 -12.76
N ALA A 15 7.70 -3.48 -12.17
CA ALA A 15 7.56 -3.73 -10.74
C ALA A 15 8.87 -3.47 -10.01
N THR A 16 8.85 -2.54 -9.06
CA THR A 16 10.03 -2.21 -8.29
C THR A 16 9.70 -2.07 -6.81
N GLU A 17 10.70 -2.25 -5.95
CA GLU A 17 10.52 -2.16 -4.51
C GLU A 17 11.11 -0.85 -3.98
N ILE A 18 10.49 -0.31 -2.93
CA ILE A 18 10.94 0.93 -2.33
C ILE A 18 11.07 0.80 -0.82
N VAL A 19 12.29 0.92 -0.31
CA VAL A 19 12.54 0.81 1.12
C VAL A 19 11.54 1.64 1.92
N ASP A 20 11.24 1.19 3.14
CA ASP A 20 10.30 1.88 4.00
C ASP A 20 10.55 3.39 3.97
N PHE A 21 9.79 4.10 3.14
CA PHE A 21 9.94 5.55 3.02
C PHE A 21 8.75 6.27 3.63
N THR A 22 8.80 7.59 3.65
CA THR A 22 7.72 8.39 4.20
C THR A 22 6.81 8.92 3.10
N GLN A 23 5.71 9.55 3.50
CA GLN A 23 4.75 10.11 2.55
C GLN A 23 5.40 11.17 1.68
N ASP A 24 6.53 11.70 2.14
CA ASP A 24 7.26 12.72 1.40
C ASP A 24 7.62 12.23 0.01
N ASP A 25 8.18 11.03 -0.06
CA ASP A 25 8.57 10.43 -1.33
C ASP A 25 7.36 9.88 -2.08
N LEU A 26 6.23 9.82 -1.39
CA LEU A 26 4.99 9.31 -1.98
C LEU A 26 4.56 10.16 -3.17
N ASP A 27 4.80 9.66 -4.38
CA ASP A 27 4.44 10.37 -5.60
C ASP A 27 2.97 10.77 -5.57
N GLU A 28 2.55 11.53 -6.57
CA GLU A 28 1.16 11.98 -6.67
C GLU A 28 0.22 10.81 -6.92
N ASN A 29 0.36 10.18 -8.09
CA ASN A 29 -0.46 9.04 -8.45
C ASN A 29 0.39 7.85 -8.86
N ASP A 30 0.53 6.89 -7.95
CA ASP A 30 1.32 5.70 -8.20
C ASP A 30 0.75 4.49 -7.46
N VAL A 31 1.21 3.30 -7.84
CA VAL A 31 0.75 2.07 -7.20
C VAL A 31 1.75 1.56 -6.18
N TYR A 32 1.37 1.62 -4.90
CA TYR A 32 2.24 1.16 -3.82
C TYR A 32 1.66 -0.07 -3.14
N LEU A 33 2.48 -0.73 -2.34
CA LEU A 33 2.05 -1.93 -1.62
C LEU A 33 2.66 -1.97 -0.22
N LEU A 34 1.82 -1.83 0.78
CA LEU A 34 2.27 -1.86 2.17
C LEU A 34 1.74 -3.09 2.90
N ASP A 35 2.60 -4.10 3.04
CA ASP A 35 2.22 -5.33 3.71
C ASP A 35 2.31 -5.18 5.22
N THR A 36 1.16 -5.20 5.89
CA THR A 36 1.11 -5.06 7.34
C THR A 36 0.80 -6.39 8.00
N TRP A 37 0.63 -6.36 9.32
CA TRP A 37 0.33 -7.57 10.09
C TRP A 37 -1.05 -8.10 9.73
N ASP A 38 -2.06 -7.26 9.92
CA ASP A 38 -3.44 -7.65 9.62
C ASP A 38 -3.60 -7.99 8.14
N GLN A 39 -3.08 -7.11 7.28
CA GLN A 39 -3.17 -7.30 5.84
C GLN A 39 -2.43 -6.20 5.09
N ILE A 40 -2.18 -6.43 3.80
CA ILE A 40 -1.48 -5.45 2.98
C ILE A 40 -2.43 -4.36 2.51
N PHE A 41 -2.10 -3.11 2.83
CA PHE A 41 -2.91 -1.97 2.44
C PHE A 41 -2.65 -1.58 0.99
N PHE A 42 -3.67 -1.72 0.15
CA PHE A 42 -3.54 -1.38 -1.27
C PHE A 42 -3.94 0.06 -1.53
N TRP A 43 -2.96 0.91 -1.78
CA TRP A 43 -3.21 2.32 -2.04
C TRP A 43 -3.20 2.61 -3.54
N ILE A 44 -4.38 2.83 -4.10
CA ILE A 44 -4.50 3.12 -5.52
C ILE A 44 -4.96 4.55 -5.75
N GLY A 45 -4.13 5.33 -6.43
CA GLY A 45 -4.46 6.72 -6.72
C GLY A 45 -5.38 6.85 -7.91
N LYS A 46 -5.47 8.07 -8.45
CA LYS A 46 -6.33 8.34 -9.60
C LYS A 46 -5.54 8.23 -10.90
N GLY A 47 -4.27 8.61 -10.85
CA GLY A 47 -3.43 8.55 -12.04
C GLY A 47 -2.95 7.13 -12.34
N ALA A 48 -2.76 6.34 -11.28
CA ALA A 48 -2.30 4.96 -11.44
C ALA A 48 -3.13 4.23 -12.48
N ASN A 49 -2.45 3.61 -13.44
CA ASN A 49 -3.12 2.87 -14.50
C ASN A 49 -3.87 1.67 -13.94
N GLU A 50 -4.80 1.13 -14.74
CA GLU A 50 -5.58 -0.02 -14.31
C GLU A 50 -4.73 -1.29 -14.30
N SER A 51 -3.76 -1.35 -15.21
CA SER A 51 -2.89 -2.50 -15.31
C SER A 51 -1.87 -2.52 -14.16
N GLU A 52 -1.30 -1.35 -13.88
CA GLU A 52 -0.32 -1.24 -12.81
C GLU A 52 -0.85 -1.81 -11.51
N LYS A 53 -2.06 -1.39 -11.13
CA LYS A 53 -2.68 -1.86 -9.90
C LYS A 53 -2.90 -3.36 -9.94
N GLU A 54 -3.09 -3.90 -11.15
CA GLU A 54 -3.31 -5.33 -11.33
C GLU A 54 -2.00 -6.10 -11.20
N ALA A 55 -1.03 -5.73 -12.03
CA ALA A 55 0.28 -6.39 -12.01
C ALA A 55 0.96 -6.21 -10.66
N ALA A 56 1.02 -4.96 -10.19
CA ALA A 56 1.64 -4.66 -8.92
C ALA A 56 0.96 -5.40 -7.77
N ALA A 57 -0.31 -5.73 -7.96
CA ALA A 57 -1.08 -6.45 -6.95
C ALA A 57 -0.65 -7.91 -6.87
N GLU A 58 -0.57 -8.57 -8.02
CA GLU A 58 -0.17 -9.97 -8.07
C GLU A 58 1.28 -10.13 -7.67
N THR A 59 2.12 -9.19 -8.10
CA THR A 59 3.54 -9.23 -7.77
C THR A 59 3.77 -9.26 -6.27
N ALA A 60 2.89 -8.60 -5.53
CA ALA A 60 3.00 -8.55 -4.08
C ALA A 60 2.71 -9.91 -3.46
N GLN A 61 1.70 -10.59 -4.00
CA GLN A 61 1.32 -11.91 -3.50
C GLN A 61 2.54 -12.83 -3.43
N GLU A 62 3.48 -12.64 -4.34
CA GLU A 62 4.69 -13.46 -4.39
C GLU A 62 5.45 -13.36 -3.07
N TYR A 63 5.50 -12.16 -2.51
CA TYR A 63 6.20 -11.94 -1.25
C TYR A 63 5.43 -12.54 -0.08
N LEU A 64 4.11 -12.39 -0.11
CA LEU A 64 3.26 -12.92 0.95
C LEU A 64 3.53 -14.40 1.17
N ARG A 65 3.68 -15.15 0.08
CA ARG A 65 3.94 -16.58 0.16
C ARG A 65 5.35 -16.84 0.68
N SER A 66 6.24 -15.87 0.49
CA SER A 66 7.63 -16.00 0.93
C SER A 66 7.71 -15.96 2.46
N HIS A 67 6.73 -15.33 3.09
CA HIS A 67 6.69 -15.22 4.54
C HIS A 67 5.73 -16.23 5.14
N PRO A 68 5.89 -16.52 6.43
CA PRO A 68 5.05 -17.48 7.15
C PRO A 68 3.62 -16.95 7.35
N GLY A 69 2.90 -17.57 8.28
CA GLY A 69 1.53 -17.15 8.56
C GLY A 69 0.52 -18.22 8.26
N SER A 70 -0.68 -18.07 8.79
CA SER A 70 -1.74 -19.04 8.58
C SER A 70 -2.77 -18.52 7.57
N ARG A 71 -3.62 -17.60 8.03
CA ARG A 71 -4.65 -17.03 7.17
C ARG A 71 -4.29 -15.60 6.78
N ASP A 72 -3.00 -15.28 6.84
CA ASP A 72 -2.52 -13.94 6.50
C ASP A 72 -2.96 -13.56 5.09
N LEU A 73 -3.18 -14.57 4.25
CA LEU A 73 -3.60 -14.33 2.87
C LEU A 73 -5.12 -14.47 2.74
N ASP A 74 -5.73 -15.22 3.65
CA ASP A 74 -7.17 -15.41 3.64
C ASP A 74 -7.91 -14.10 3.90
N THR A 75 -7.27 -13.23 4.67
CA THR A 75 -7.88 -11.93 5.00
C THR A 75 -7.88 -11.01 3.79
N PRO A 76 -9.03 -10.36 3.55
CA PRO A 76 -9.20 -9.44 2.43
C PRO A 76 -8.40 -8.15 2.61
N ILE A 77 -7.99 -7.55 1.49
CA ILE A 77 -7.22 -6.31 1.54
C ILE A 77 -8.15 -5.10 1.58
N ILE A 78 -7.73 -4.08 2.33
CA ILE A 78 -8.52 -2.87 2.46
C ILE A 78 -8.21 -1.89 1.33
N VAL A 79 -9.08 -1.87 0.31
CA VAL A 79 -8.90 -0.99 -0.83
C VAL A 79 -8.91 0.48 -0.40
N VAL A 80 -8.07 1.28 -1.03
CA VAL A 80 -7.99 2.70 -0.72
C VAL A 80 -8.09 3.55 -1.98
N LYS A 81 -8.84 4.65 -1.90
CA LYS A 81 -9.01 5.55 -3.03
C LYS A 81 -8.10 6.76 -2.91
N GLN A 82 -7.95 7.50 -4.00
CA GLN A 82 -7.10 8.69 -4.01
C GLN A 82 -7.82 9.88 -3.38
N GLY A 83 -7.33 10.33 -2.24
CA GLY A 83 -7.94 11.45 -1.56
C GLY A 83 -8.36 11.11 -0.15
N PHE A 84 -7.89 9.97 0.35
CA PHE A 84 -8.23 9.52 1.70
C PHE A 84 -7.01 8.93 2.40
N GLU A 85 -6.52 9.62 3.42
CA GLU A 85 -5.36 9.15 4.16
C GLU A 85 -5.70 8.95 5.63
N PRO A 86 -6.14 7.73 5.98
CA PRO A 86 -6.52 7.38 7.35
C PRO A 86 -5.31 7.31 8.28
N PRO A 87 -5.52 7.70 9.55
CA PRO A 87 -4.46 7.69 10.56
C PRO A 87 -4.05 6.28 10.96
N THR A 88 -4.88 5.30 10.61
CA THR A 88 -4.60 3.90 10.93
C THR A 88 -3.50 3.35 10.03
N PHE A 89 -3.63 3.58 8.73
CA PHE A 89 -2.65 3.09 7.76
C PHE A 89 -1.28 3.72 8.02
N THR A 90 -1.27 5.04 8.22
CA THR A 90 -0.03 5.75 8.48
C THR A 90 0.78 5.08 9.59
N GLY A 91 0.07 4.54 10.58
CA GLY A 91 0.74 3.89 11.69
C GLY A 91 1.67 2.78 11.23
N TRP A 92 1.43 2.26 10.03
CA TRP A 92 2.25 1.19 9.48
C TRP A 92 3.63 1.71 9.09
N PHE A 93 3.73 3.02 8.88
CA PHE A 93 4.99 3.65 8.51
C PHE A 93 5.87 3.88 9.73
N MET A 94 7.11 4.30 9.50
CA MET A 94 8.05 4.55 10.57
C MET A 94 7.78 5.90 11.23
N ALA A 95 7.01 6.74 10.55
CA ALA A 95 6.67 8.06 11.07
C ALA A 95 5.20 8.13 11.46
N TRP A 96 4.94 8.21 12.77
CA TRP A 96 3.58 8.29 13.27
C TRP A 96 2.83 9.47 12.66
N ASP A 97 1.50 9.44 12.75
CA ASP A 97 0.68 10.51 12.21
C ASP A 97 -0.06 11.24 13.33
N PRO A 98 -0.11 12.58 13.23
CA PRO A 98 -0.78 13.42 14.22
C PRO A 98 -2.29 13.27 14.18
N LEU A 99 -2.79 12.58 13.16
CA LEU A 99 -4.22 12.36 13.00
C LEU A 99 -4.65 11.08 13.71
N CYS A 100 -3.76 10.52 14.52
CA CYS A 100 -4.05 9.29 15.26
C CYS A 100 -5.10 9.54 16.33
N TRP A 101 -5.34 10.81 16.64
CA TRP A 101 -6.33 11.19 17.65
C TRP A 101 -7.70 11.41 17.02
N SER A 102 -7.84 10.98 15.77
CA SER A 102 -9.10 11.14 15.06
C SER A 102 -10.19 10.25 15.66
N ASP A 103 -9.78 9.34 16.54
CA ASP A 103 -10.71 8.43 17.19
C ASP A 103 -11.03 8.90 18.60
N ARG A 104 -10.10 9.63 19.20
CA ARG A 104 -10.27 10.14 20.56
C ARG A 104 -11.53 10.99 20.66
N LYS A 105 -11.93 11.58 19.53
CA LYS A 105 -13.12 12.42 19.49
C LYS A 105 -14.38 11.57 19.32
N SER A 106 -14.21 10.35 18.83
CA SER A 106 -15.34 9.45 18.62
C SER A 106 -15.47 8.47 19.78
N TYR A 107 -16.58 7.74 19.81
CA TYR A 107 -16.84 6.77 20.86
C TYR A 107 -16.95 5.36 20.29
N PRO A 1 8.32 -3.97 6.66
CA PRO A 1 7.37 -2.96 6.21
C PRO A 1 7.96 -2.03 5.16
N ARG A 2 7.96 -2.48 3.91
CA ARG A 2 8.50 -1.68 2.82
C ARG A 2 7.44 -1.44 1.74
N LEU A 3 7.67 -0.43 0.92
CA LEU A 3 6.73 -0.09 -0.15
C LEU A 3 7.13 -0.77 -1.45
N PHE A 4 6.32 -0.59 -2.48
CA PHE A 4 6.58 -1.18 -3.79
C PHE A 4 5.93 -0.36 -4.91
N GLU A 5 6.73 0.46 -5.58
CA GLU A 5 6.24 1.29 -6.66
C GLU A 5 6.31 0.56 -7.99
N CYS A 6 5.16 0.24 -8.56
CA CYS A 6 5.09 -0.45 -9.84
C CYS A 6 4.21 0.30 -10.84
N SER A 7 4.83 0.86 -11.85
CA SER A 7 4.11 1.62 -12.87
C SER A 7 4.64 1.30 -14.27
N ASN A 8 3.80 1.50 -15.28
CA ASN A 8 4.18 1.23 -16.66
C ASN A 8 4.75 2.48 -17.31
N LYS A 9 5.79 2.30 -18.13
CA LYS A 9 6.42 3.42 -18.82
C LYS A 9 5.55 3.92 -19.96
N THR A 10 5.22 3.02 -20.89
CA THR A 10 4.39 3.38 -22.04
C THR A 10 3.34 2.30 -22.29
N GLY A 11 3.79 1.07 -22.48
CA GLY A 11 2.87 -0.02 -22.74
C GLY A 11 3.21 -1.27 -21.94
N ARG A 12 4.25 -1.17 -21.11
CA ARG A 12 4.68 -2.29 -20.30
C ARG A 12 4.71 -1.92 -18.82
N PHE A 13 4.23 -2.81 -17.97
CA PHE A 13 4.20 -2.57 -16.53
C PHE A 13 5.53 -2.94 -15.90
N LEU A 14 5.98 -2.13 -14.94
CA LEU A 14 7.24 -2.39 -14.25
C LEU A 14 7.02 -2.53 -12.75
N ALA A 15 7.59 -3.57 -12.16
CA ALA A 15 7.47 -3.80 -10.73
C ALA A 15 8.79 -3.55 -10.01
N THR A 16 8.76 -2.61 -9.07
CA THR A 16 9.95 -2.27 -8.30
C THR A 16 9.64 -2.12 -6.82
N GLU A 17 10.66 -2.31 -5.98
CA GLU A 17 10.48 -2.20 -4.54
C GLU A 17 11.04 -0.88 -4.02
N ILE A 18 10.42 -0.35 -2.97
CA ILE A 18 10.85 0.91 -2.38
C ILE A 18 10.98 0.78 -0.86
N VAL A 19 12.21 0.91 -0.36
CA VAL A 19 12.47 0.82 1.07
C VAL A 19 11.48 1.67 1.85
N ASP A 20 11.19 1.24 3.08
CA ASP A 20 10.26 1.96 3.94
C ASP A 20 10.52 3.46 3.89
N PHE A 21 9.76 4.16 3.05
CA PHE A 21 9.91 5.60 2.91
C PHE A 21 8.72 6.34 3.52
N THR A 22 8.78 7.66 3.50
CA THR A 22 7.71 8.48 4.06
C THR A 22 6.78 8.99 2.96
N GLN A 23 5.76 9.75 3.36
CA GLN A 23 4.80 10.30 2.40
C GLN A 23 5.47 11.31 1.48
N ASP A 24 6.61 11.84 1.90
CA ASP A 24 7.35 12.82 1.12
C ASP A 24 7.66 12.27 -0.28
N ASP A 25 8.19 11.05 -0.32
CA ASP A 25 8.53 10.41 -1.58
C ASP A 25 7.28 9.85 -2.28
N LEU A 26 6.17 9.85 -1.56
CA LEU A 26 4.91 9.35 -2.09
C LEU A 26 4.47 10.17 -3.31
N ASP A 27 4.71 9.64 -4.50
CA ASP A 27 4.33 10.32 -5.73
C ASP A 27 2.87 10.71 -5.70
N GLU A 28 2.43 11.45 -6.73
CA GLU A 28 1.05 11.89 -6.81
C GLU A 28 0.12 10.71 -7.04
N ASN A 29 0.24 10.07 -8.19
CA ASN A 29 -0.59 8.93 -8.53
C ASN A 29 0.26 7.73 -8.94
N ASP A 30 0.42 6.79 -8.01
CA ASP A 30 1.21 5.60 -8.27
C ASP A 30 0.66 4.39 -7.50
N VAL A 31 1.13 3.21 -7.85
CA VAL A 31 0.68 1.98 -7.19
C VAL A 31 1.70 1.50 -6.18
N TYR A 32 1.33 1.55 -4.90
CA TYR A 32 2.22 1.12 -3.82
C TYR A 32 1.68 -0.14 -3.15
N LEU A 33 2.52 -0.76 -2.33
CA LEU A 33 2.14 -1.98 -1.63
C LEU A 33 2.73 -2.00 -0.22
N LEU A 34 1.86 -1.88 0.79
CA LEU A 34 2.29 -1.89 2.17
C LEU A 34 1.75 -3.10 2.91
N ASP A 35 2.59 -4.12 3.08
CA ASP A 35 2.21 -5.35 3.76
C ASP A 35 2.46 -5.22 5.26
N THR A 36 1.37 -5.18 6.04
CA THR A 36 1.47 -5.08 7.49
C THR A 36 1.15 -6.41 8.16
N TRP A 37 1.21 -6.41 9.49
CA TRP A 37 0.91 -7.61 10.26
C TRP A 37 -0.55 -8.01 10.12
N ASP A 38 -1.44 -7.07 10.43
CA ASP A 38 -2.88 -7.33 10.33
C ASP A 38 -3.28 -7.67 8.90
N GLN A 39 -2.79 -6.88 7.95
CA GLN A 39 -3.10 -7.10 6.55
C GLN A 39 -2.38 -6.09 5.66
N ILE A 40 -2.31 -6.38 4.36
CA ILE A 40 -1.64 -5.51 3.42
C ILE A 40 -2.57 -4.39 2.94
N PHE A 41 -2.11 -3.15 3.03
CA PHE A 41 -2.90 -2.01 2.61
C PHE A 41 -2.60 -1.64 1.16
N PHE A 42 -3.59 -1.80 0.30
CA PHE A 42 -3.44 -1.49 -1.11
C PHE A 42 -3.84 -0.04 -1.41
N TRP A 43 -2.85 0.80 -1.66
CA TRP A 43 -3.10 2.20 -1.95
C TRP A 43 -3.06 2.47 -3.45
N ILE A 44 -4.21 2.84 -4.01
CA ILE A 44 -4.31 3.12 -5.44
C ILE A 44 -4.84 4.53 -5.68
N GLY A 45 -4.07 5.32 -6.42
CA GLY A 45 -4.47 6.68 -6.71
C GLY A 45 -5.43 6.76 -7.90
N LYS A 46 -5.57 7.96 -8.45
CA LYS A 46 -6.46 8.16 -9.60
C LYS A 46 -5.69 8.06 -10.91
N GLY A 47 -4.42 8.46 -10.88
CA GLY A 47 -3.60 8.41 -12.07
C GLY A 47 -3.11 7.00 -12.38
N ALA A 48 -2.89 6.21 -11.32
CA ALA A 48 -2.41 4.84 -11.48
C ALA A 48 -3.24 4.09 -12.51
N ASN A 49 -2.57 3.52 -13.50
CA ASN A 49 -3.25 2.76 -14.56
C ASN A 49 -4.01 1.58 -13.97
N GLU A 50 -4.93 1.02 -14.76
CA GLU A 50 -5.73 -0.11 -14.33
C GLU A 50 -4.88 -1.38 -14.28
N SER A 51 -3.91 -1.49 -15.18
CA SER A 51 -3.04 -2.65 -15.25
C SER A 51 -2.03 -2.63 -14.10
N GLU A 52 -1.45 -1.47 -13.85
CA GLU A 52 -0.46 -1.32 -12.79
C GLU A 52 -1.00 -1.85 -11.46
N LYS A 53 -2.21 -1.43 -11.12
CA LYS A 53 -2.85 -1.86 -9.88
C LYS A 53 -3.08 -3.36 -9.87
N GLU A 54 -3.26 -3.93 -11.07
CA GLU A 54 -3.49 -5.37 -11.21
C GLU A 54 -2.17 -6.14 -11.05
N ALA A 55 -1.20 -5.80 -11.88
CA ALA A 55 0.10 -6.46 -11.84
C ALA A 55 0.79 -6.24 -10.49
N ALA A 56 0.83 -4.99 -10.05
CA ALA A 56 1.45 -4.64 -8.78
C ALA A 56 0.76 -5.35 -7.62
N ALA A 57 -0.51 -5.68 -7.81
CA ALA A 57 -1.28 -6.36 -6.78
C ALA A 57 -0.85 -7.82 -6.65
N GLU A 58 -0.65 -8.48 -7.77
CA GLU A 58 -0.23 -9.88 -7.78
C GLU A 58 1.25 -10.01 -7.42
N THR A 59 2.05 -9.06 -7.89
CA THR A 59 3.48 -9.07 -7.61
C THR A 59 3.75 -9.08 -6.10
N ALA A 60 2.88 -8.43 -5.35
CA ALA A 60 3.03 -8.37 -3.90
C ALA A 60 2.81 -9.74 -3.27
N GLN A 61 1.81 -10.46 -3.77
CA GLN A 61 1.49 -11.79 -3.25
C GLN A 61 2.73 -12.67 -3.22
N GLU A 62 3.63 -12.45 -4.17
CA GLU A 62 4.86 -13.23 -4.25
C GLU A 62 5.67 -13.10 -2.97
N TYR A 63 5.70 -11.90 -2.40
CA TYR A 63 6.44 -11.65 -1.17
C TYR A 63 5.73 -12.28 0.03
N LEU A 64 4.40 -12.17 0.04
CA LEU A 64 3.60 -12.72 1.13
C LEU A 64 3.92 -14.20 1.35
N ARG A 65 4.22 -14.90 0.25
CA ARG A 65 4.55 -16.32 0.33
C ARG A 65 5.65 -16.57 1.35
N SER A 66 6.52 -15.58 1.53
CA SER A 66 7.63 -15.69 2.47
C SER A 66 7.13 -15.65 3.92
N HIS A 67 6.14 -14.79 4.17
CA HIS A 67 5.56 -14.65 5.49
C HIS A 67 5.03 -15.99 6.00
N PRO A 68 4.86 -16.10 7.33
CA PRO A 68 4.35 -17.32 7.96
C PRO A 68 2.88 -17.57 7.65
N GLY A 69 2.25 -18.43 8.44
CA GLY A 69 0.85 -18.74 8.24
C GLY A 69 0.62 -19.61 7.02
N SER A 70 -0.56 -20.22 6.93
CA SER A 70 -0.90 -21.08 5.81
C SER A 70 -1.83 -20.38 4.83
N ARG A 71 -3.09 -20.24 5.23
CA ARG A 71 -4.09 -19.59 4.39
C ARG A 71 -4.24 -18.12 4.77
N ASP A 72 -3.21 -17.57 5.41
CA ASP A 72 -3.23 -16.18 5.83
C ASP A 72 -3.45 -15.25 4.63
N LEU A 73 -3.12 -15.74 3.44
CA LEU A 73 -3.28 -14.96 2.22
C LEU A 73 -4.76 -14.80 1.87
N ASP A 74 -5.58 -15.75 2.32
CA ASP A 74 -7.01 -15.71 2.05
C ASP A 74 -7.61 -14.39 2.50
N THR A 75 -7.06 -13.84 3.58
CA THR A 75 -7.55 -12.58 4.12
C THR A 75 -7.63 -11.50 3.05
N PRO A 76 -8.77 -10.80 2.97
CA PRO A 76 -9.00 -9.75 1.99
C PRO A 76 -8.15 -8.51 2.27
N ILE A 77 -8.05 -7.63 1.28
CA ILE A 77 -7.28 -6.40 1.42
C ILE A 77 -8.18 -5.17 1.44
N ILE A 78 -7.80 -4.17 2.22
CA ILE A 78 -8.57 -2.94 2.33
C ILE A 78 -8.22 -1.97 1.21
N VAL A 79 -9.03 -1.95 0.16
CA VAL A 79 -8.81 -1.07 -0.98
C VAL A 79 -8.87 0.40 -0.55
N VAL A 80 -7.99 1.21 -1.14
CA VAL A 80 -7.94 2.63 -0.83
C VAL A 80 -8.04 3.48 -2.10
N LYS A 81 -8.80 4.57 -2.02
CA LYS A 81 -8.97 5.46 -3.15
C LYS A 81 -8.10 6.71 -3.00
N GLN A 82 -7.96 7.45 -4.09
CA GLN A 82 -7.15 8.67 -4.08
C GLN A 82 -7.92 9.83 -3.46
N GLY A 83 -7.45 10.29 -2.30
CA GLY A 83 -8.11 11.39 -1.63
C GLY A 83 -8.55 11.03 -0.22
N PHE A 84 -8.04 9.90 0.29
CA PHE A 84 -8.38 9.44 1.63
C PHE A 84 -7.16 8.89 2.34
N GLU A 85 -6.71 9.60 3.38
CA GLU A 85 -5.54 9.18 4.13
C GLU A 85 -5.91 8.95 5.60
N PRO A 86 -6.30 7.71 5.93
CA PRO A 86 -6.68 7.33 7.30
C PRO A 86 -5.50 7.32 8.24
N PRO A 87 -5.74 7.70 9.51
CA PRO A 87 -4.70 7.74 10.54
C PRO A 87 -4.24 6.34 10.96
N THR A 88 -5.03 5.34 10.59
CA THR A 88 -4.71 3.96 10.92
C THR A 88 -3.58 3.43 10.05
N PHE A 89 -3.70 3.65 8.74
CA PHE A 89 -2.68 3.18 7.80
C PHE A 89 -1.34 3.85 8.08
N THR A 90 -1.37 5.17 8.29
CA THR A 90 -0.15 5.93 8.57
C THR A 90 0.65 5.27 9.69
N GLY A 91 -0.06 4.72 10.68
CA GLY A 91 0.61 4.07 11.79
C GLY A 91 1.57 2.99 11.35
N TRP A 92 1.37 2.48 10.14
CA TRP A 92 2.21 1.42 9.60
C TRP A 92 3.59 1.97 9.23
N PHE A 93 3.71 3.30 9.21
CA PHE A 93 4.96 3.94 8.87
C PHE A 93 5.81 4.19 10.12
N MET A 94 7.05 4.63 9.91
CA MET A 94 7.96 4.90 11.02
C MET A 94 7.68 6.27 11.63
N ALA A 95 7.00 7.11 10.87
CA ALA A 95 6.66 8.46 11.34
C ALA A 95 5.20 8.56 11.73
N TRP A 96 4.95 8.64 13.04
CA TRP A 96 3.58 8.74 13.54
C TRP A 96 2.84 9.91 12.90
N ASP A 97 1.51 9.89 12.99
CA ASP A 97 0.69 10.96 12.42
C ASP A 97 -0.12 11.65 13.51
N PRO A 98 -0.19 12.99 13.43
CA PRO A 98 -0.94 13.79 14.39
C PRO A 98 -2.45 13.61 14.27
N LEU A 99 -2.86 12.91 13.22
CA LEU A 99 -4.28 12.66 12.99
C LEU A 99 -4.73 11.37 13.67
N CYS A 100 -3.87 10.83 14.53
CA CYS A 100 -4.18 9.60 15.25
C CYS A 100 -5.27 9.83 16.29
N TRP A 101 -5.53 11.10 16.60
CA TRP A 101 -6.55 11.45 17.57
C TRP A 101 -7.89 11.70 16.90
N SER A 102 -8.00 11.26 15.65
CA SER A 102 -9.24 11.42 14.88
C SER A 102 -10.39 10.67 15.53
N ASP A 103 -10.05 9.75 16.43
CA ASP A 103 -11.07 8.96 17.13
C ASP A 103 -11.38 9.56 18.50
N ARG A 104 -10.33 10.00 19.19
CA ARG A 104 -10.49 10.59 20.51
C ARG A 104 -11.46 11.78 20.46
N LYS A 105 -11.46 12.49 19.34
CA LYS A 105 -12.32 13.64 19.17
C LYS A 105 -13.77 13.21 18.98
N SER A 106 -13.96 11.96 18.58
CA SER A 106 -15.30 11.42 18.36
C SER A 106 -15.76 10.59 19.55
N TYR A 107 -17.07 10.57 19.78
CA TYR A 107 -17.64 9.82 20.89
C TYR A 107 -17.85 8.36 20.51
N PRO A 1 7.40 -4.21 5.69
CA PRO A 1 7.52 -2.84 6.18
C PRO A 1 8.09 -1.89 5.14
N ARG A 2 8.07 -2.32 3.88
CA ARG A 2 8.58 -1.51 2.78
C ARG A 2 7.50 -1.24 1.74
N LEU A 3 7.81 -0.38 0.78
CA LEU A 3 6.86 -0.05 -0.28
C LEU A 3 7.26 -0.69 -1.59
N PHE A 4 6.43 -0.53 -2.61
CA PHE A 4 6.69 -1.09 -3.92
C PHE A 4 6.01 -0.29 -5.02
N GLU A 5 6.79 0.51 -5.74
CA GLU A 5 6.25 1.34 -6.81
C GLU A 5 6.32 0.61 -8.15
N CYS A 6 5.16 0.29 -8.70
CA CYS A 6 5.09 -0.42 -9.99
C CYS A 6 4.19 0.34 -10.97
N SER A 7 4.81 0.90 -12.01
CA SER A 7 4.07 1.65 -13.01
C SER A 7 4.57 1.32 -14.41
N ASN A 8 3.71 1.52 -15.40
CA ASN A 8 4.07 1.24 -16.80
C ASN A 8 4.61 2.49 -17.48
N LYS A 9 5.62 2.32 -18.31
CA LYS A 9 6.24 3.43 -19.03
C LYS A 9 5.32 3.91 -20.16
N THR A 10 4.99 3.00 -21.06
CA THR A 10 4.12 3.33 -22.19
C THR A 10 3.06 2.24 -22.40
N GLY A 11 3.52 1.01 -22.59
CA GLY A 11 2.61 -0.10 -22.81
C GLY A 11 2.99 -1.33 -22.02
N ARG A 12 4.04 -1.21 -21.21
CA ARG A 12 4.51 -2.33 -20.41
C ARG A 12 4.57 -1.95 -18.93
N PHE A 13 4.09 -2.83 -18.08
CA PHE A 13 4.09 -2.60 -16.64
C PHE A 13 5.44 -2.96 -16.01
N LEU A 14 5.90 -2.13 -15.09
CA LEU A 14 7.17 -2.36 -14.42
C LEU A 14 6.99 -2.49 -12.91
N ALA A 15 7.59 -3.51 -12.33
CA ALA A 15 7.50 -3.75 -10.89
C ALA A 15 8.82 -3.43 -10.20
N THR A 16 8.77 -2.48 -9.26
CA THR A 16 9.96 -2.09 -8.52
C THR A 16 9.68 -2.00 -7.03
N GLU A 17 10.73 -2.14 -6.22
CA GLU A 17 10.59 -2.07 -4.77
C GLU A 17 11.15 -0.76 -4.22
N ILE A 18 10.54 -0.26 -3.15
CA ILE A 18 10.99 0.99 -2.54
C ILE A 18 11.11 0.83 -1.02
N VAL A 19 12.35 0.95 -0.53
CA VAL A 19 12.61 0.83 0.90
C VAL A 19 11.62 1.65 1.71
N ASP A 20 11.33 1.20 2.92
CA ASP A 20 10.40 1.90 3.81
C ASP A 20 10.65 3.40 3.79
N PHE A 21 9.89 4.11 2.96
CA PHE A 21 10.03 5.56 2.84
C PHE A 21 8.83 6.27 3.48
N THR A 22 8.89 7.60 3.50
CA THR A 22 7.82 8.40 4.08
C THR A 22 6.90 8.94 3.00
N GLN A 23 5.94 9.77 3.41
CA GLN A 23 4.98 10.37 2.48
C GLN A 23 5.67 11.39 1.58
N ASP A 24 6.83 11.87 2.01
CA ASP A 24 7.58 12.86 1.25
C ASP A 24 7.89 12.35 -0.16
N ASP A 25 8.37 11.11 -0.24
CA ASP A 25 8.69 10.50 -1.52
C ASP A 25 7.44 9.99 -2.22
N LEU A 26 6.33 10.01 -1.51
CA LEU A 26 5.05 9.55 -2.05
C LEU A 26 4.65 10.39 -3.27
N ASP A 27 4.92 9.87 -4.45
CA ASP A 27 4.59 10.56 -5.69
C ASP A 27 3.11 10.96 -5.71
N GLU A 28 2.72 11.71 -6.73
CA GLU A 28 1.34 12.16 -6.86
C GLU A 28 0.41 10.98 -7.11
N ASN A 29 0.57 10.34 -8.26
CA ASN A 29 -0.26 9.20 -8.63
C ASN A 29 0.60 8.00 -9.00
N ASP A 30 0.71 7.05 -8.08
CA ASP A 30 1.51 5.85 -8.32
C ASP A 30 0.90 4.65 -7.59
N VAL A 31 1.38 3.45 -7.95
CA VAL A 31 0.88 2.23 -7.34
C VAL A 31 1.87 1.70 -6.30
N TYR A 32 1.50 1.83 -5.03
CA TYR A 32 2.36 1.37 -3.93
C TYR A 32 1.80 0.10 -3.31
N LEU A 33 2.65 -0.64 -2.60
CA LEU A 33 2.24 -1.87 -1.95
C LEU A 33 2.80 -1.95 -0.54
N LEU A 34 1.92 -1.88 0.45
CA LEU A 34 2.32 -1.96 1.85
C LEU A 34 1.79 -3.22 2.52
N ASP A 35 2.68 -4.13 2.85
CA ASP A 35 2.30 -5.38 3.50
C ASP A 35 2.57 -5.33 5.00
N THR A 36 1.49 -5.31 5.79
CA THR A 36 1.61 -5.25 7.24
C THR A 36 1.25 -6.59 7.87
N TRP A 37 1.45 -6.69 9.18
CA TRP A 37 1.15 -7.92 9.91
C TRP A 37 -0.35 -8.20 9.92
N ASP A 38 -1.14 -7.13 10.02
CA ASP A 38 -2.59 -7.26 10.03
C ASP A 38 -3.13 -7.51 8.64
N GLN A 39 -2.63 -6.77 7.66
CA GLN A 39 -3.07 -6.91 6.28
C GLN A 39 -2.27 -6.00 5.36
N ILE A 40 -2.34 -6.26 4.05
CA ILE A 40 -1.63 -5.46 3.07
C ILE A 40 -2.51 -4.33 2.55
N PHE A 41 -2.12 -3.09 2.86
CA PHE A 41 -2.86 -1.92 2.41
C PHE A 41 -2.41 -1.48 1.03
N PHE A 42 -3.29 -1.67 0.04
CA PHE A 42 -2.97 -1.28 -1.34
C PHE A 42 -3.42 0.15 -1.62
N TRP A 43 -2.45 1.04 -1.76
CA TRP A 43 -2.74 2.44 -2.04
C TRP A 43 -2.70 2.72 -3.53
N ILE A 44 -3.83 3.17 -4.07
CA ILE A 44 -3.93 3.49 -5.50
C ILE A 44 -4.45 4.90 -5.72
N GLY A 45 -3.75 5.67 -6.54
CA GLY A 45 -4.16 7.04 -6.81
C GLY A 45 -5.11 7.12 -8.00
N LYS A 46 -5.25 8.32 -8.55
CA LYS A 46 -6.14 8.53 -9.68
C LYS A 46 -5.37 8.40 -11.01
N GLY A 47 -4.09 8.78 -10.98
CA GLY A 47 -3.28 8.69 -12.18
C GLY A 47 -2.85 7.27 -12.49
N ALA A 48 -2.63 6.48 -11.44
CA ALA A 48 -2.21 5.09 -11.61
C ALA A 48 -3.11 4.36 -12.59
N ASN A 49 -2.49 3.65 -13.54
CA ASN A 49 -3.23 2.90 -14.54
C ASN A 49 -4.01 1.76 -13.91
N GLU A 50 -4.96 1.21 -14.66
CA GLU A 50 -5.78 0.10 -14.16
C GLU A 50 -4.97 -1.19 -14.12
N SER A 51 -4.04 -1.33 -15.05
CA SER A 51 -3.19 -2.52 -15.13
C SER A 51 -2.15 -2.52 -14.01
N GLU A 52 -1.52 -1.37 -13.81
CA GLU A 52 -0.49 -1.24 -12.77
C GLU A 52 -1.02 -1.72 -11.42
N LYS A 53 -2.21 -1.24 -11.06
CA LYS A 53 -2.82 -1.62 -9.79
C LYS A 53 -3.10 -3.12 -9.75
N GLU A 54 -3.34 -3.70 -10.91
CA GLU A 54 -3.62 -5.13 -11.01
C GLU A 54 -2.34 -5.94 -10.87
N ALA A 55 -1.37 -5.66 -11.73
CA ALA A 55 -0.09 -6.36 -11.70
C ALA A 55 0.62 -6.15 -10.37
N ALA A 56 0.73 -4.89 -9.95
CA ALA A 56 1.39 -4.55 -8.70
C ALA A 56 0.70 -5.22 -7.52
N ALA A 57 -0.59 -5.49 -7.67
CA ALA A 57 -1.37 -6.14 -6.62
C ALA A 57 -1.02 -7.61 -6.50
N GLU A 58 -0.90 -8.28 -7.65
CA GLU A 58 -0.57 -9.70 -7.67
C GLU A 58 0.91 -9.93 -7.38
N THR A 59 1.75 -9.03 -7.89
CA THR A 59 3.19 -9.13 -7.69
C THR A 59 3.53 -9.15 -6.21
N ALA A 60 2.74 -8.44 -5.41
CA ALA A 60 2.96 -8.38 -3.96
C ALA A 60 2.66 -9.73 -3.31
N GLN A 61 1.59 -10.37 -3.76
CA GLN A 61 1.19 -11.66 -3.21
C GLN A 61 2.37 -12.64 -3.22
N GLU A 62 3.24 -12.49 -4.22
CA GLU A 62 4.40 -13.36 -4.34
C GLU A 62 5.27 -13.30 -3.08
N TYR A 63 5.42 -12.09 -2.53
CA TYR A 63 6.22 -11.90 -1.34
C TYR A 63 5.51 -12.45 -0.10
N LEU A 64 4.20 -12.24 -0.05
CA LEU A 64 3.40 -12.73 1.08
C LEU A 64 3.62 -14.23 1.31
N ARG A 65 3.71 -14.97 0.21
CA ARG A 65 3.92 -16.41 0.29
C ARG A 65 5.31 -16.73 0.82
N SER A 66 6.24 -15.80 0.64
CA SER A 66 7.61 -15.98 1.10
C SER A 66 7.68 -16.04 2.62
N HIS A 67 6.71 -15.40 3.27
CA HIS A 67 6.65 -15.39 4.73
C HIS A 67 5.64 -16.40 5.25
N PRO A 68 5.77 -16.78 6.52
CA PRO A 68 4.87 -17.75 7.16
C PRO A 68 3.47 -17.18 7.37
N GLY A 69 2.70 -17.83 8.25
CA GLY A 69 1.35 -17.37 8.52
C GLY A 69 0.31 -18.45 8.27
N SER A 70 -0.88 -18.25 8.81
CA SER A 70 -1.97 -19.22 8.64
C SER A 70 -2.99 -18.72 7.62
N ARG A 71 -3.81 -17.76 8.04
CA ARG A 71 -4.83 -17.20 7.16
C ARG A 71 -4.44 -15.80 6.70
N ASP A 72 -3.14 -15.51 6.76
CA ASP A 72 -2.64 -14.20 6.33
C ASP A 72 -3.07 -13.89 4.90
N LEU A 73 -3.30 -14.93 4.12
CA LEU A 73 -3.72 -14.77 2.73
C LEU A 73 -5.23 -14.87 2.60
N ASP A 74 -5.86 -15.59 3.53
CA ASP A 74 -7.30 -15.76 3.51
C ASP A 74 -8.01 -14.45 3.81
N THR A 75 -7.35 -13.57 4.56
CA THR A 75 -7.91 -12.28 4.90
C THR A 75 -7.89 -11.32 3.71
N PRO A 76 -9.02 -10.65 3.48
CA PRO A 76 -9.15 -9.69 2.38
C PRO A 76 -8.32 -8.43 2.59
N ILE A 77 -7.90 -7.80 1.50
CA ILE A 77 -7.11 -6.58 1.57
C ILE A 77 -7.99 -5.34 1.52
N ILE A 78 -7.63 -4.34 2.32
CA ILE A 78 -8.39 -3.10 2.37
C ILE A 78 -7.98 -2.15 1.24
N VAL A 79 -8.73 -2.19 0.14
CA VAL A 79 -8.45 -1.35 -1.01
C VAL A 79 -8.58 0.12 -0.65
N VAL A 80 -7.67 0.94 -1.18
CA VAL A 80 -7.68 2.37 -0.93
C VAL A 80 -7.89 3.17 -2.22
N LYS A 81 -8.55 4.31 -2.10
CA LYS A 81 -8.82 5.16 -3.25
C LYS A 81 -8.08 6.50 -3.11
N GLN A 82 -7.99 7.22 -4.23
CA GLN A 82 -7.31 8.51 -4.23
C GLN A 82 -8.19 9.59 -3.59
N GLY A 83 -7.76 10.07 -2.42
CA GLY A 83 -8.52 11.09 -1.72
C GLY A 83 -8.93 10.66 -0.33
N PHE A 84 -8.29 9.62 0.18
CA PHE A 84 -8.59 9.11 1.50
C PHE A 84 -7.32 8.63 2.21
N GLU A 85 -6.93 9.35 3.26
CA GLU A 85 -5.74 9.00 4.02
C GLU A 85 -6.09 8.71 5.48
N PRO A 86 -6.37 7.42 5.77
CA PRO A 86 -6.72 6.98 7.12
C PRO A 86 -5.53 7.04 8.08
N PRO A 87 -5.80 7.43 9.33
CA PRO A 87 -4.77 7.54 10.37
C PRO A 87 -4.25 6.17 10.80
N THR A 88 -4.99 5.12 10.47
CA THR A 88 -4.60 3.77 10.82
C THR A 88 -3.44 3.29 9.96
N PHE A 89 -3.55 3.47 8.66
CA PHE A 89 -2.51 3.06 7.72
C PHE A 89 -1.18 3.72 8.06
N THR A 90 -1.23 5.03 8.30
CA THR A 90 -0.02 5.79 8.63
C THR A 90 0.74 5.12 9.76
N GLY A 91 0.01 4.55 10.72
CA GLY A 91 0.65 3.90 11.84
C GLY A 91 1.63 2.81 11.41
N TRP A 92 1.46 2.33 10.18
CA TRP A 92 2.33 1.29 9.65
C TRP A 92 3.72 1.84 9.34
N PHE A 93 3.80 3.16 9.17
CA PHE A 93 5.07 3.81 8.87
C PHE A 93 5.92 3.93 10.13
N MET A 94 7.17 4.37 9.95
CA MET A 94 8.09 4.53 11.07
C MET A 94 7.83 5.84 11.80
N ALA A 95 7.10 6.74 11.15
CA ALA A 95 6.78 8.04 11.74
C ALA A 95 5.31 8.13 12.09
N TRP A 96 5.00 8.11 13.38
CA TRP A 96 3.62 8.20 13.85
C TRP A 96 2.92 9.39 13.22
N ASP A 97 1.58 9.38 13.26
CA ASP A 97 0.79 10.46 12.71
C ASP A 97 -0.06 11.12 13.79
N PRO A 98 -0.13 12.45 13.76
CA PRO A 98 -0.92 13.23 14.72
C PRO A 98 -2.41 13.06 14.54
N LEU A 99 -2.79 12.41 13.44
CA LEU A 99 -4.20 12.17 13.14
C LEU A 99 -4.67 10.85 13.75
N CYS A 100 -3.84 10.27 14.61
CA CYS A 100 -4.16 9.01 15.26
C CYS A 100 -5.27 9.20 16.30
N TRP A 101 -5.51 10.45 16.66
CA TRP A 101 -6.54 10.77 17.65
C TRP A 101 -7.88 11.06 16.98
N SER A 102 -7.99 10.68 15.71
CA SER A 102 -9.21 10.91 14.95
C SER A 102 -10.37 10.12 15.55
N ASP A 103 -10.05 9.16 16.41
CA ASP A 103 -11.06 8.34 17.05
C ASP A 103 -11.37 8.85 18.45
N ARG A 104 -10.40 9.53 19.05
CA ARG A 104 -10.56 10.08 20.40
C ARG A 104 -11.77 11.01 20.46
N LYS A 105 -12.13 11.59 19.32
CA LYS A 105 -13.26 12.50 19.25
C LYS A 105 -14.56 11.73 19.00
N SER A 106 -14.43 10.51 18.50
CA SER A 106 -15.58 9.67 18.21
C SER A 106 -16.38 9.39 19.49
N TYR A 107 -17.41 8.57 19.37
CA TYR A 107 -18.25 8.22 20.50
C TYR A 107 -18.33 6.71 20.68
N PRO A 1 6.49 -4.12 5.49
CA PRO A 1 7.39 -3.17 6.16
C PRO A 1 7.91 -2.10 5.21
N ARG A 2 7.97 -2.44 3.92
CA ARG A 2 8.45 -1.50 2.91
C ARG A 2 7.38 -1.24 1.85
N LEU A 3 7.69 -0.36 0.91
CA LEU A 3 6.75 -0.01 -0.16
C LEU A 3 7.16 -0.67 -1.46
N PHE A 4 6.34 -0.48 -2.50
CA PHE A 4 6.62 -1.06 -3.81
C PHE A 4 5.97 -0.23 -4.91
N GLU A 5 6.77 0.64 -5.53
CA GLU A 5 6.28 1.49 -6.60
C GLU A 5 6.41 0.79 -7.96
N CYS A 6 5.28 0.44 -8.54
CA CYS A 6 5.26 -0.23 -9.83
C CYS A 6 4.33 0.48 -10.81
N SER A 7 4.93 1.11 -11.83
CA SER A 7 4.16 1.84 -12.83
C SER A 7 4.71 1.59 -14.22
N ASN A 8 3.86 1.77 -15.22
CA ASN A 8 4.26 1.56 -16.61
C ASN A 8 4.73 2.87 -17.25
N LYS A 9 5.79 2.78 -18.05
CA LYS A 9 6.34 3.96 -18.71
C LYS A 9 5.42 4.43 -19.85
N THR A 10 5.16 3.53 -20.80
CA THR A 10 4.30 3.84 -21.93
C THR A 10 3.33 2.70 -22.22
N GLY A 11 3.87 1.52 -22.44
CA GLY A 11 3.03 0.36 -22.72
C GLY A 11 3.47 -0.87 -21.95
N ARG A 12 4.49 -0.72 -21.12
CA ARG A 12 5.00 -1.84 -20.33
C ARG A 12 5.01 -1.49 -18.84
N PHE A 13 4.57 -2.44 -18.03
CA PHE A 13 4.53 -2.24 -16.58
C PHE A 13 5.88 -2.54 -15.95
N LEU A 14 6.27 -1.72 -14.98
CA LEU A 14 7.54 -1.90 -14.28
C LEU A 14 7.33 -2.09 -12.78
N ALA A 15 7.98 -3.10 -12.23
CA ALA A 15 7.86 -3.38 -10.79
C ALA A 15 9.16 -3.07 -10.07
N THR A 16 9.09 -2.15 -9.10
CA THR A 16 10.26 -1.75 -8.33
C THR A 16 9.91 -1.60 -6.86
N GLU A 17 10.77 -2.12 -5.99
CA GLU A 17 10.55 -2.04 -4.56
C GLU A 17 11.14 -0.74 -3.99
N ILE A 18 10.49 -0.21 -2.96
CA ILE A 18 10.94 1.03 -2.33
C ILE A 18 10.99 0.88 -0.82
N VAL A 19 12.19 1.00 -0.26
CA VAL A 19 12.39 0.88 1.17
C VAL A 19 11.35 1.70 1.94
N ASP A 20 11.00 1.24 3.13
CA ASP A 20 10.03 1.93 3.97
C ASP A 20 10.28 3.44 3.97
N PHE A 21 9.58 4.16 3.10
CA PHE A 21 9.73 5.60 3.02
C PHE A 21 8.48 6.32 3.51
N THR A 22 8.53 7.65 3.53
CA THR A 22 7.40 8.45 3.99
C THR A 22 6.62 9.01 2.80
N GLN A 23 5.52 9.69 3.09
CA GLN A 23 4.69 10.28 2.05
C GLN A 23 5.47 11.30 1.23
N ASP A 24 6.56 11.78 1.81
CA ASP A 24 7.41 12.76 1.14
C ASP A 24 7.85 12.25 -0.23
N ASP A 25 8.31 11.01 -0.27
CA ASP A 25 8.76 10.39 -1.51
C ASP A 25 7.60 9.77 -2.28
N LEU A 26 6.44 9.70 -1.62
CA LEU A 26 5.25 9.12 -2.23
C LEU A 26 4.79 9.97 -3.41
N ASP A 27 4.98 9.44 -4.62
CA ASP A 27 4.57 10.15 -5.83
C ASP A 27 3.09 10.53 -5.78
N GLU A 28 2.68 11.40 -6.69
CA GLU A 28 1.30 11.85 -6.75
C GLU A 28 0.35 10.67 -6.99
N ASN A 29 0.49 10.04 -8.14
CA ASN A 29 -0.35 8.90 -8.49
C ASN A 29 0.51 7.69 -8.88
N ASP A 30 0.64 6.76 -7.95
CA ASP A 30 1.43 5.54 -8.19
C ASP A 30 0.84 4.35 -7.43
N VAL A 31 1.31 3.16 -7.79
CA VAL A 31 0.83 1.94 -7.14
C VAL A 31 1.81 1.44 -6.09
N TYR A 32 1.44 1.59 -4.83
CA TYR A 32 2.29 1.17 -3.73
C TYR A 32 1.72 -0.07 -3.04
N LEU A 33 2.55 -0.74 -2.24
CA LEU A 33 2.12 -1.94 -1.52
C LEU A 33 2.74 -1.99 -0.13
N LEU A 34 1.90 -1.83 0.89
CA LEU A 34 2.36 -1.86 2.27
C LEU A 34 1.85 -3.10 2.99
N ASP A 35 2.71 -4.11 3.10
CA ASP A 35 2.34 -5.36 3.77
C ASP A 35 2.48 -5.22 5.28
N THR A 36 1.36 -5.26 5.98
CA THR A 36 1.36 -5.14 7.43
C THR A 36 1.08 -6.48 8.09
N TRP A 37 0.97 -6.47 9.41
CA TRP A 37 0.71 -7.69 10.17
C TRP A 37 -0.68 -8.23 9.87
N ASP A 38 -1.69 -7.40 10.10
CA ASP A 38 -3.07 -7.80 9.85
C ASP A 38 -3.29 -8.12 8.38
N GLN A 39 -2.81 -7.23 7.51
CA GLN A 39 -2.95 -7.42 6.07
C GLN A 39 -2.26 -6.31 5.30
N ILE A 40 -2.04 -6.52 4.00
CA ILE A 40 -1.39 -5.53 3.16
C ILE A 40 -2.38 -4.46 2.71
N PHE A 41 -1.95 -3.19 2.81
CA PHE A 41 -2.80 -2.08 2.41
C PHE A 41 -2.53 -1.69 0.95
N PHE A 42 -3.57 -1.81 0.11
CA PHE A 42 -3.46 -1.48 -1.30
C PHE A 42 -3.89 -0.04 -1.56
N TRP A 43 -2.92 0.83 -1.81
CA TRP A 43 -3.20 2.23 -2.07
C TRP A 43 -3.18 2.52 -3.57
N ILE A 44 -4.36 2.70 -4.15
CA ILE A 44 -4.47 2.99 -5.58
C ILE A 44 -4.92 4.42 -5.82
N GLY A 45 -4.04 5.22 -6.41
CA GLY A 45 -4.37 6.60 -6.69
C GLY A 45 -5.30 6.75 -7.87
N LYS A 46 -5.37 7.97 -8.42
CA LYS A 46 -6.23 8.24 -9.56
C LYS A 46 -5.47 8.09 -10.87
N GLY A 47 -4.18 8.42 -10.84
CA GLY A 47 -3.36 8.31 -12.03
C GLY A 47 -2.91 6.89 -12.30
N ALA A 48 -2.72 6.11 -11.23
CA ALA A 48 -2.28 4.73 -11.36
C ALA A 48 -3.13 3.98 -12.38
N ASN A 49 -2.48 3.42 -13.39
CA ASN A 49 -3.18 2.67 -14.42
C ASN A 49 -3.87 1.45 -13.84
N GLU A 50 -4.78 0.87 -14.62
CA GLU A 50 -5.53 -0.31 -14.18
C GLU A 50 -4.64 -1.55 -14.18
N SER A 51 -3.68 -1.59 -15.09
CA SER A 51 -2.76 -2.72 -15.20
C SER A 51 -1.73 -2.69 -14.06
N GLU A 52 -1.19 -1.51 -13.80
CA GLU A 52 -0.20 -1.34 -12.74
C GLU A 52 -0.71 -1.92 -11.43
N LYS A 53 -1.93 -1.54 -11.05
CA LYS A 53 -2.52 -2.02 -9.82
C LYS A 53 -2.68 -3.54 -9.84
N GLU A 54 -2.86 -4.09 -11.04
CA GLU A 54 -3.02 -5.53 -11.20
C GLU A 54 -1.68 -6.25 -11.07
N ALA A 55 -0.73 -5.85 -11.91
CA ALA A 55 0.60 -6.46 -11.90
C ALA A 55 1.29 -6.23 -10.55
N ALA A 56 1.29 -4.99 -10.10
CA ALA A 56 1.92 -4.64 -8.83
C ALA A 56 1.28 -5.41 -7.67
N ALA A 57 0.02 -5.78 -7.84
CA ALA A 57 -0.71 -6.52 -6.82
C ALA A 57 -0.23 -7.97 -6.75
N GLU A 58 -0.04 -8.58 -7.91
CA GLU A 58 0.42 -9.97 -7.98
C GLU A 58 1.89 -10.08 -7.62
N THR A 59 2.70 -9.15 -8.14
CA THR A 59 4.13 -9.14 -7.88
C THR A 59 4.41 -9.19 -6.39
N ALA A 60 3.55 -8.55 -5.60
CA ALA A 60 3.70 -8.51 -4.15
C ALA A 60 3.41 -9.88 -3.54
N GLN A 61 2.40 -10.56 -4.06
CA GLN A 61 2.02 -11.88 -3.56
C GLN A 61 3.23 -12.81 -3.52
N GLU A 62 4.15 -12.61 -4.46
CA GLU A 62 5.36 -13.44 -4.53
C GLU A 62 6.15 -13.36 -3.23
N TYR A 63 6.22 -12.17 -2.65
CA TYR A 63 6.94 -11.97 -1.41
C TYR A 63 6.18 -12.57 -0.23
N LEU A 64 4.87 -12.43 -0.25
CA LEU A 64 4.02 -12.95 0.82
C LEU A 64 4.28 -14.44 1.04
N ARG A 65 4.65 -15.13 -0.04
CA ARG A 65 4.93 -16.56 0.03
C ARG A 65 5.92 -16.87 1.15
N SER A 66 6.81 -15.91 1.43
CA SER A 66 7.81 -16.08 2.47
C SER A 66 7.14 -16.36 3.82
N HIS A 67 5.99 -15.73 4.04
CA HIS A 67 5.26 -15.90 5.29
C HIS A 67 3.90 -16.55 5.04
N PRO A 68 3.85 -17.89 5.10
CA PRO A 68 2.62 -18.66 4.88
C PRO A 68 1.62 -18.46 6.00
N GLY A 69 0.64 -19.37 6.08
CA GLY A 69 -0.38 -19.29 7.11
C GLY A 69 -1.78 -19.30 6.55
N SER A 70 -2.76 -19.56 7.41
CA SER A 70 -4.15 -19.60 6.99
C SER A 70 -4.89 -18.33 7.41
N ARG A 71 -4.18 -17.44 8.08
CA ARG A 71 -4.76 -16.18 8.53
C ARG A 71 -4.52 -15.06 7.53
N ASP A 72 -4.26 -15.45 6.28
CA ASP A 72 -4.00 -14.48 5.22
C ASP A 72 -5.20 -14.38 4.28
N LEU A 73 -6.05 -15.41 4.30
CA LEU A 73 -7.23 -15.44 3.45
C LEU A 73 -8.43 -14.81 4.17
N ASP A 74 -8.68 -15.25 5.39
CA ASP A 74 -9.79 -14.73 6.18
C ASP A 74 -9.71 -13.20 6.28
N THR A 75 -8.50 -12.68 6.19
CA THR A 75 -8.29 -11.24 6.28
C THR A 75 -7.93 -10.65 4.92
N PRO A 76 -8.95 -10.17 4.19
CA PRO A 76 -8.77 -9.59 2.87
C PRO A 76 -8.07 -8.23 2.93
N ILE A 77 -7.51 -7.81 1.80
CA ILE A 77 -6.81 -6.53 1.72
C ILE A 77 -7.79 -5.36 1.74
N ILE A 78 -7.42 -4.30 2.47
CA ILE A 78 -8.27 -3.13 2.58
C ILE A 78 -8.01 -2.16 1.42
N VAL A 79 -8.91 -2.16 0.43
CA VAL A 79 -8.77 -1.29 -0.72
C VAL A 79 -8.80 0.18 -0.31
N VAL A 80 -8.05 1.01 -1.02
CA VAL A 80 -7.99 2.43 -0.73
C VAL A 80 -8.12 3.26 -2.00
N LYS A 81 -8.92 4.33 -1.93
CA LYS A 81 -9.13 5.20 -3.08
C LYS A 81 -8.29 6.46 -2.97
N GLN A 82 -8.14 7.18 -4.07
CA GLN A 82 -7.37 8.41 -4.09
C GLN A 82 -8.15 9.56 -3.46
N GLY A 83 -7.66 10.04 -2.31
CA GLY A 83 -8.32 11.13 -1.64
C GLY A 83 -8.74 10.77 -0.23
N PHE A 84 -8.20 9.67 0.28
CA PHE A 84 -8.52 9.21 1.63
C PHE A 84 -7.28 8.65 2.32
N GLU A 85 -6.80 9.36 3.34
CA GLU A 85 -5.62 8.94 4.08
C GLU A 85 -5.97 8.71 5.56
N PRO A 86 -6.35 7.47 5.89
CA PRO A 86 -6.70 7.11 7.27
C PRO A 86 -5.49 7.09 8.19
N PRO A 87 -5.71 7.48 9.46
CA PRO A 87 -4.65 7.52 10.47
C PRO A 87 -4.19 6.13 10.88
N THR A 88 -5.01 5.12 10.55
CA THR A 88 -4.69 3.74 10.89
C THR A 88 -3.58 3.20 10.01
N PHE A 89 -3.71 3.40 8.70
CA PHE A 89 -2.71 2.93 7.75
C PHE A 89 -1.37 3.63 7.97
N THR A 90 -1.41 4.95 8.12
CA THR A 90 -0.21 5.73 8.34
C THR A 90 0.62 5.15 9.48
N GLY A 91 -0.05 4.62 10.49
CA GLY A 91 0.64 4.04 11.63
C GLY A 91 1.62 2.96 11.22
N TRP A 92 1.41 2.38 10.04
CA TRP A 92 2.29 1.34 9.54
C TRP A 92 3.63 1.91 9.11
N PHE A 93 3.65 3.21 8.82
CA PHE A 93 4.87 3.87 8.38
C PHE A 93 5.79 4.15 9.58
N MET A 94 7.00 4.61 9.30
CA MET A 94 7.97 4.92 10.35
C MET A 94 7.68 6.28 10.97
N ALA A 95 6.88 7.08 10.28
CA ALA A 95 6.53 8.41 10.76
C ALA A 95 5.07 8.47 11.19
N TRP A 96 4.84 8.54 12.50
CA TRP A 96 3.49 8.61 13.04
C TRP A 96 2.69 9.73 12.37
N ASP A 97 1.36 9.64 12.48
CA ASP A 97 0.48 10.65 11.90
C ASP A 97 -0.27 11.41 12.98
N PRO A 98 -0.38 12.74 12.79
CA PRO A 98 -1.07 13.61 13.74
C PRO A 98 -2.58 13.39 13.75
N LEU A 99 -3.05 12.62 12.77
CA LEU A 99 -4.48 12.33 12.65
C LEU A 99 -4.85 11.08 13.45
N CYS A 100 -3.92 10.61 14.28
CA CYS A 100 -4.15 9.42 15.09
C CYS A 100 -5.19 9.70 16.17
N TRP A 101 -5.47 10.98 16.41
CA TRP A 101 -6.44 11.37 17.42
C TRP A 101 -7.83 11.50 16.81
N SER A 102 -7.99 11.00 15.59
CA SER A 102 -9.28 11.06 14.90
C SER A 102 -10.31 10.18 15.59
N ASP A 103 -9.85 9.34 16.51
CA ASP A 103 -10.73 8.45 17.24
C ASP A 103 -11.21 9.10 18.54
N ARG A 104 -10.33 9.90 19.15
CA ARG A 104 -10.66 10.57 20.40
C ARG A 104 -11.89 11.46 20.22
N LYS A 105 -12.12 11.91 19.00
CA LYS A 105 -13.26 12.77 18.70
C LYS A 105 -14.50 11.92 18.37
N SER A 106 -14.27 10.67 18.00
CA SER A 106 -15.37 9.76 17.66
C SER A 106 -15.94 9.11 18.91
N TYR A 107 -16.81 8.13 18.71
CA TYR A 107 -17.45 7.43 19.83
C TYR A 107 -18.14 6.15 19.34
N PRO A 1 7.62 -3.98 5.73
CA PRO A 1 7.50 -2.61 6.18
C PRO A 1 8.05 -1.61 5.17
N ARG A 2 8.08 -2.01 3.91
CA ARG A 2 8.59 -1.15 2.84
C ARG A 2 7.52 -0.92 1.78
N LEU A 3 7.82 -0.03 0.83
CA LEU A 3 6.88 0.29 -0.24
C LEU A 3 7.32 -0.37 -1.54
N PHE A 4 6.50 -0.21 -2.58
CA PHE A 4 6.80 -0.78 -3.89
C PHE A 4 6.12 0.01 -5.00
N GLU A 5 6.89 0.84 -5.70
CA GLU A 5 6.36 1.66 -6.78
C GLU A 5 6.45 0.91 -8.11
N CYS A 6 5.29 0.54 -8.64
CA CYS A 6 5.22 -0.18 -9.90
C CYS A 6 4.28 0.53 -10.89
N SER A 7 4.85 1.11 -11.93
CA SER A 7 4.08 1.82 -12.94
C SER A 7 4.59 1.51 -14.35
N ASN A 8 3.71 1.67 -15.33
CA ASN A 8 4.07 1.40 -16.72
C ASN A 8 4.55 2.68 -17.40
N LYS A 9 5.58 2.54 -18.24
CA LYS A 9 6.13 3.69 -18.95
C LYS A 9 5.19 4.13 -20.09
N THR A 10 4.90 3.20 -20.99
CA THR A 10 4.02 3.48 -22.12
C THR A 10 3.03 2.35 -22.34
N GLY A 11 3.55 1.14 -22.54
CA GLY A 11 2.70 -0.02 -22.76
C GLY A 11 3.13 -1.23 -21.96
N ARG A 12 4.18 -1.05 -21.16
CA ARG A 12 4.71 -2.14 -20.34
C ARG A 12 4.75 -1.74 -18.87
N PHE A 13 4.32 -2.66 -18.00
CA PHE A 13 4.31 -2.40 -16.57
C PHE A 13 5.66 -2.70 -15.95
N LEU A 14 6.09 -1.84 -15.02
CA LEU A 14 7.38 -2.02 -14.35
C LEU A 14 7.19 -2.17 -12.84
N ALA A 15 7.83 -3.19 -12.27
CA ALA A 15 7.74 -3.44 -10.83
C ALA A 15 9.03 -3.07 -10.12
N THR A 16 8.96 -2.14 -9.18
CA THR A 16 10.13 -1.70 -8.43
C THR A 16 9.83 -1.62 -6.94
N GLU A 17 10.86 -1.73 -6.12
CA GLU A 17 10.71 -1.66 -4.68
C GLU A 17 11.25 -0.35 -4.12
N ILE A 18 10.61 0.15 -3.07
CA ILE A 18 11.03 1.40 -2.45
C ILE A 18 11.11 1.27 -0.93
N VAL A 19 12.32 1.40 -0.40
CA VAL A 19 12.54 1.31 1.04
C VAL A 19 11.50 2.11 1.82
N ASP A 20 11.19 1.65 3.02
CA ASP A 20 10.21 2.34 3.86
C ASP A 20 10.44 3.84 3.84
N PHE A 21 9.68 4.54 3.00
CA PHE A 21 9.81 5.99 2.88
C PHE A 21 8.58 6.68 3.47
N THR A 22 8.61 8.01 3.49
CA THR A 22 7.51 8.79 4.02
C THR A 22 6.59 9.29 2.90
N GLN A 23 5.54 10.02 3.28
CA GLN A 23 4.59 10.55 2.30
C GLN A 23 5.25 11.60 1.42
N ASP A 24 6.37 12.15 1.89
CA ASP A 24 7.10 13.17 1.15
C ASP A 24 7.48 12.65 -0.24
N ASP A 25 8.04 11.44 -0.28
CA ASP A 25 8.45 10.84 -1.55
C ASP A 25 7.25 10.26 -2.29
N LEU A 26 6.11 10.21 -1.61
CA LEU A 26 4.89 9.68 -2.21
C LEU A 26 4.47 10.50 -3.41
N ASP A 27 4.76 9.98 -4.60
CA ASP A 27 4.41 10.66 -5.85
C ASP A 27 2.92 11.01 -5.87
N GLU A 28 2.51 11.75 -6.90
CA GLU A 28 1.13 12.16 -7.04
C GLU A 28 0.21 10.95 -7.25
N ASN A 29 0.38 10.28 -8.38
CA ASN A 29 -0.43 9.11 -8.70
C ASN A 29 0.46 7.91 -9.05
N ASP A 30 0.60 6.98 -8.12
CA ASP A 30 1.42 5.80 -8.33
C ASP A 30 0.84 4.59 -7.60
N VAL A 31 1.34 3.40 -7.94
CA VAL A 31 0.87 2.17 -7.30
C VAL A 31 1.86 1.70 -6.25
N TYR A 32 1.47 1.83 -4.98
CA TYR A 32 2.32 1.41 -3.88
C TYR A 32 1.76 0.17 -3.19
N LEU A 33 2.60 -0.51 -2.42
CA LEU A 33 2.19 -1.71 -1.72
C LEU A 33 2.83 -1.78 -0.34
N LEU A 34 2.01 -1.66 0.70
CA LEU A 34 2.50 -1.70 2.08
C LEU A 34 2.02 -2.98 2.78
N ASP A 35 2.90 -3.97 2.85
CA ASP A 35 2.56 -5.24 3.50
C ASP A 35 2.87 -5.18 4.99
N THR A 36 1.84 -5.22 5.81
CA THR A 36 2.00 -5.17 7.25
C THR A 36 1.75 -6.54 7.88
N TRP A 37 1.95 -6.63 9.20
CA TRP A 37 1.74 -7.88 9.91
C TRP A 37 0.27 -8.27 9.92
N ASP A 38 -0.60 -7.27 10.02
CA ASP A 38 -2.04 -7.50 10.05
C ASP A 38 -2.57 -7.74 8.63
N GLN A 39 -2.14 -6.90 7.69
CA GLN A 39 -2.57 -7.03 6.31
C GLN A 39 -1.85 -6.01 5.43
N ILE A 40 -1.91 -6.22 4.12
CA ILE A 40 -1.27 -5.33 3.16
C ILE A 40 -2.23 -4.22 2.72
N PHE A 41 -1.83 -2.98 2.93
CA PHE A 41 -2.65 -1.83 2.55
C PHE A 41 -2.32 -1.39 1.13
N PHE A 42 -3.26 -1.60 0.21
CA PHE A 42 -3.08 -1.22 -1.18
C PHE A 42 -3.60 0.19 -1.43
N TRP A 43 -2.69 1.12 -1.70
CA TRP A 43 -3.05 2.50 -1.96
C TRP A 43 -3.09 2.78 -3.45
N ILE A 44 -4.30 2.89 -4.01
CA ILE A 44 -4.46 3.16 -5.43
C ILE A 44 -4.88 4.60 -5.67
N GLY A 45 -4.09 5.33 -6.44
CA GLY A 45 -4.40 6.72 -6.74
C GLY A 45 -5.36 6.86 -7.90
N LYS A 46 -5.42 8.05 -8.47
CA LYS A 46 -6.31 8.33 -9.60
C LYS A 46 -5.58 8.14 -10.92
N GLY A 47 -4.29 8.49 -10.94
CA GLY A 47 -3.51 8.36 -12.15
C GLY A 47 -3.05 6.93 -12.38
N ALA A 48 -2.85 6.19 -11.31
CA ALA A 48 -2.42 4.80 -11.39
C ALA A 48 -3.27 4.02 -12.39
N ASN A 49 -2.63 3.40 -13.37
CA ASN A 49 -3.33 2.63 -14.38
C ASN A 49 -4.01 1.41 -13.76
N GLU A 50 -4.94 0.82 -14.50
CA GLU A 50 -5.67 -0.36 -14.02
C GLU A 50 -4.77 -1.59 -14.03
N SER A 51 -3.83 -1.62 -14.97
CA SER A 51 -2.92 -2.75 -15.09
C SER A 51 -1.86 -2.71 -14.00
N GLU A 52 -1.33 -1.52 -13.74
CA GLU A 52 -0.30 -1.34 -12.72
C GLU A 52 -0.76 -1.94 -11.39
N LYS A 53 -1.96 -1.57 -10.96
CA LYS A 53 -2.52 -2.05 -9.70
C LYS A 53 -2.67 -3.57 -9.74
N GLU A 54 -2.89 -4.12 -10.93
CA GLU A 54 -3.05 -5.56 -11.09
C GLU A 54 -1.70 -6.27 -11.02
N ALA A 55 -0.78 -5.87 -11.89
CA ALA A 55 0.55 -6.46 -11.92
C ALA A 55 1.28 -6.25 -10.60
N ALA A 56 1.28 -5.01 -10.13
CA ALA A 56 1.95 -4.67 -8.88
C ALA A 56 1.37 -5.47 -7.71
N ALA A 57 0.09 -5.85 -7.84
CA ALA A 57 -0.57 -6.61 -6.81
C ALA A 57 -0.10 -8.06 -6.79
N GLU A 58 0.02 -8.65 -7.97
CA GLU A 58 0.46 -10.04 -8.09
C GLU A 58 1.94 -10.16 -7.71
N THR A 59 2.75 -9.20 -8.15
CA THR A 59 4.17 -9.21 -7.87
C THR A 59 4.44 -9.35 -6.38
N ALA A 60 3.54 -8.78 -5.58
CA ALA A 60 3.68 -8.84 -4.12
C ALA A 60 3.42 -10.25 -3.61
N GLN A 61 2.41 -10.91 -4.18
CA GLN A 61 2.06 -12.26 -3.77
C GLN A 61 3.28 -13.18 -3.78
N GLU A 62 4.21 -12.89 -4.69
CA GLU A 62 5.43 -13.69 -4.80
C GLU A 62 6.20 -13.69 -3.49
N TYR A 63 6.25 -12.53 -2.84
CA TYR A 63 6.96 -12.41 -1.57
C TYR A 63 6.19 -13.09 -0.45
N LEU A 64 4.87 -13.00 -0.51
CA LEU A 64 4.01 -13.60 0.51
C LEU A 64 4.34 -15.08 0.69
N ARG A 65 4.77 -15.73 -0.39
CA ARG A 65 5.12 -17.14 -0.35
C ARG A 65 6.10 -17.42 0.79
N SER A 66 6.92 -16.43 1.11
CA SER A 66 7.90 -16.58 2.18
C SER A 66 7.23 -16.86 3.51
N HIS A 67 6.05 -16.26 3.72
CA HIS A 67 5.30 -16.44 4.95
C HIS A 67 3.94 -17.05 4.67
N PRO A 68 3.87 -18.39 4.70
CA PRO A 68 2.63 -19.14 4.46
C PRO A 68 1.61 -18.96 5.57
N GLY A 69 0.62 -19.84 5.62
CA GLY A 69 -0.40 -19.76 6.65
C GLY A 69 -1.80 -19.74 6.06
N SER A 70 -2.79 -20.00 6.90
CA SER A 70 -4.19 -20.01 6.46
C SER A 70 -4.91 -18.74 6.90
N ARG A 71 -4.18 -17.87 7.60
CA ARG A 71 -4.76 -16.62 8.08
C ARG A 71 -4.48 -15.49 7.10
N ASP A 72 -4.20 -15.85 5.86
CA ASP A 72 -3.92 -14.86 4.82
C ASP A 72 -5.16 -14.60 3.96
N LEU A 73 -6.10 -15.53 4.01
CA LEU A 73 -7.34 -15.41 3.24
C LEU A 73 -8.44 -14.76 4.08
N ASP A 74 -8.60 -15.24 5.31
CA ASP A 74 -9.62 -14.71 6.20
C ASP A 74 -9.49 -13.19 6.33
N THR A 75 -8.27 -12.68 6.17
CA THR A 75 -8.01 -11.26 6.26
C THR A 75 -7.73 -10.66 4.89
N PRO A 76 -8.78 -10.15 4.24
CA PRO A 76 -8.67 -9.53 2.91
C PRO A 76 -7.93 -8.21 2.94
N ILE A 77 -7.42 -7.78 1.80
CA ILE A 77 -6.68 -6.52 1.70
C ILE A 77 -7.63 -5.33 1.75
N ILE A 78 -7.25 -4.31 2.52
CA ILE A 78 -8.08 -3.12 2.65
C ILE A 78 -7.78 -2.12 1.52
N VAL A 79 -8.61 -2.18 0.47
CA VAL A 79 -8.45 -1.28 -0.66
C VAL A 79 -8.59 0.18 -0.24
N VAL A 80 -7.77 1.03 -0.84
CA VAL A 80 -7.80 2.46 -0.54
C VAL A 80 -7.97 3.30 -1.80
N LYS A 81 -8.76 4.36 -1.71
CA LYS A 81 -9.00 5.23 -2.84
C LYS A 81 -8.14 6.49 -2.76
N GLN A 82 -8.03 7.20 -3.88
CA GLN A 82 -7.22 8.42 -3.93
C GLN A 82 -7.96 9.58 -3.28
N GLY A 83 -7.47 10.02 -2.13
CA GLY A 83 -8.09 11.13 -1.43
C GLY A 83 -8.53 10.76 -0.02
N PHE A 84 -7.97 9.65 0.49
CA PHE A 84 -8.31 9.19 1.83
C PHE A 84 -7.08 8.62 2.53
N GLU A 85 -6.62 9.32 3.56
CA GLU A 85 -5.44 8.88 4.31
C GLU A 85 -5.80 8.63 5.77
N PRO A 86 -6.19 7.38 6.09
CA PRO A 86 -6.55 6.98 7.44
C PRO A 86 -5.36 6.95 8.39
N PRO A 87 -5.61 7.25 9.68
CA PRO A 87 -4.56 7.27 10.70
C PRO A 87 -4.06 5.86 11.02
N THR A 88 -4.83 4.86 10.64
CA THR A 88 -4.46 3.47 10.89
C THR A 88 -3.32 3.03 9.99
N PHE A 89 -3.44 3.31 8.70
CA PHE A 89 -2.42 2.94 7.73
C PHE A 89 -1.13 3.70 8.00
N THR A 90 -1.24 5.01 8.19
CA THR A 90 -0.07 5.85 8.46
C THR A 90 0.78 5.26 9.58
N GLY A 91 0.11 4.67 10.57
CA GLY A 91 0.82 4.08 11.70
C GLY A 91 1.85 3.07 11.25
N TRP A 92 1.68 2.53 10.05
CA TRP A 92 2.59 1.53 9.52
C TRP A 92 3.92 2.17 9.11
N PHE A 93 3.90 3.48 8.88
CA PHE A 93 5.09 4.21 8.48
C PHE A 93 5.99 4.46 9.68
N MET A 94 7.18 4.98 9.42
CA MET A 94 8.15 5.28 10.47
C MET A 94 7.79 6.58 11.19
N ALA A 95 6.93 7.37 10.56
CA ALA A 95 6.51 8.65 11.13
C ALA A 95 5.05 8.61 11.54
N TRP A 96 4.80 8.58 12.84
CA TRP A 96 3.45 8.54 13.36
C TRP A 96 2.61 9.69 12.80
N ASP A 97 1.30 9.56 12.90
CA ASP A 97 0.39 10.59 12.41
C ASP A 97 -0.41 11.20 13.54
N PRO A 98 -0.57 12.53 13.50
CA PRO A 98 -1.32 13.27 14.52
C PRO A 98 -2.82 13.00 14.46
N LEU A 99 -3.24 12.30 13.42
CA LEU A 99 -4.66 11.96 13.24
C LEU A 99 -4.98 10.63 13.89
N CYS A 100 -4.06 10.13 14.71
CA CYS A 100 -4.26 8.86 15.40
C CYS A 100 -5.34 8.98 16.45
N TRP A 101 -5.66 10.22 16.83
CA TRP A 101 -6.69 10.47 17.84
C TRP A 101 -8.04 10.69 17.18
N SER A 102 -8.15 10.31 15.92
CA SER A 102 -9.40 10.47 15.19
C SER A 102 -10.51 9.62 15.80
N ASP A 103 -10.12 8.67 16.64
CA ASP A 103 -11.07 7.80 17.30
C ASP A 103 -11.56 8.40 18.62
N ARG A 104 -10.63 8.96 19.38
CA ARG A 104 -10.95 9.58 20.66
C ARG A 104 -12.04 10.63 20.49
N LYS A 105 -11.98 11.38 19.40
CA LYS A 105 -12.97 12.42 19.13
C LYS A 105 -14.30 11.80 18.67
N SER A 106 -14.23 10.56 18.21
CA SER A 106 -15.42 9.86 17.74
C SER A 106 -16.12 9.15 18.89
N TYR A 107 -17.39 8.79 18.68
CA TYR A 107 -18.16 8.11 19.70
C TYR A 107 -18.83 6.86 19.13
N PRO A 1 7.55 -4.64 5.48
CA PRO A 1 7.36 -3.32 6.08
C PRO A 1 7.81 -2.19 5.17
N ARG A 2 7.95 -2.51 3.88
CA ARG A 2 8.36 -1.51 2.90
C ARG A 2 7.28 -1.27 1.86
N LEU A 3 7.57 -0.43 0.88
CA LEU A 3 6.61 -0.11 -0.17
C LEU A 3 7.01 -0.77 -1.49
N PHE A 4 6.19 -0.58 -2.52
CA PHE A 4 6.46 -1.15 -3.83
C PHE A 4 5.81 -0.31 -4.94
N GLU A 5 6.61 0.56 -5.55
CA GLU A 5 6.11 1.42 -6.62
C GLU A 5 6.24 0.72 -7.98
N CYS A 6 5.10 0.36 -8.55
CA CYS A 6 5.08 -0.32 -9.84
C CYS A 6 4.15 0.42 -10.82
N SER A 7 4.74 1.05 -11.83
CA SER A 7 3.97 1.79 -12.82
C SER A 7 4.53 1.54 -14.23
N ASN A 8 3.67 1.72 -15.23
CA ASN A 8 4.08 1.52 -16.62
C ASN A 8 4.54 2.84 -17.24
N LYS A 9 5.59 2.76 -18.05
CA LYS A 9 6.14 3.94 -18.71
C LYS A 9 5.22 4.40 -19.83
N THR A 10 4.97 3.51 -20.79
CA THR A 10 4.10 3.84 -21.91
C THR A 10 3.13 2.71 -22.20
N GLY A 11 3.67 1.51 -22.44
CA GLY A 11 2.83 0.37 -22.73
C GLY A 11 3.27 -0.87 -21.97
N ARG A 12 4.30 -0.73 -21.15
CA ARG A 12 4.81 -1.84 -20.36
C ARG A 12 4.82 -1.51 -18.87
N PHE A 13 4.38 -2.46 -18.05
CA PHE A 13 4.34 -2.26 -16.60
C PHE A 13 5.69 -2.57 -15.97
N LEU A 14 6.08 -1.76 -14.99
CA LEU A 14 7.35 -1.95 -14.30
C LEU A 14 7.14 -2.15 -12.81
N ALA A 15 7.78 -3.17 -12.26
CA ALA A 15 7.67 -3.46 -10.83
C ALA A 15 8.96 -3.15 -10.09
N THR A 16 8.88 -2.24 -9.13
CA THR A 16 10.05 -1.86 -8.35
C THR A 16 9.71 -1.73 -6.87
N GLU A 17 10.61 -2.21 -6.01
CA GLU A 17 10.40 -2.15 -4.58
C GLU A 17 10.99 -0.87 -3.99
N ILE A 18 10.35 -0.34 -2.97
CA ILE A 18 10.81 0.88 -2.31
C ILE A 18 10.94 0.69 -0.81
N VAL A 19 12.17 0.80 -0.32
CA VAL A 19 12.43 0.64 1.12
C VAL A 19 11.44 1.44 1.95
N ASP A 20 11.15 0.95 3.14
CA ASP A 20 10.21 1.62 4.05
C ASP A 20 10.46 3.13 4.06
N PHE A 21 9.70 3.85 3.26
CA PHE A 21 9.85 5.31 3.19
C PHE A 21 8.64 6.01 3.80
N THR A 22 8.70 7.34 3.86
CA THR A 22 7.61 8.12 4.41
C THR A 22 6.67 8.61 3.33
N GLN A 23 5.67 9.40 3.73
CA GLN A 23 4.69 9.93 2.78
C GLN A 23 5.33 10.98 1.87
N ASP A 24 6.46 11.53 2.31
CA ASP A 24 7.16 12.54 1.53
C ASP A 24 7.52 12.02 0.15
N ASP A 25 8.08 10.81 0.09
CA ASP A 25 8.45 10.20 -1.17
C ASP A 25 7.24 9.61 -1.88
N LEU A 26 6.11 9.57 -1.17
CA LEU A 26 4.87 9.03 -1.73
C LEU A 26 4.43 9.84 -2.94
N ASP A 27 4.69 9.30 -4.14
CA ASP A 27 4.32 9.96 -5.37
C ASP A 27 2.84 10.37 -5.34
N GLU A 28 2.45 11.19 -6.32
CA GLU A 28 1.07 11.65 -6.41
C GLU A 28 0.12 10.49 -6.69
N ASN A 29 0.25 9.91 -7.88
CA ASN A 29 -0.59 8.78 -8.29
C ASN A 29 0.25 7.60 -8.71
N ASP A 30 0.39 6.62 -7.81
CA ASP A 30 1.17 5.42 -8.09
C ASP A 30 0.61 4.22 -7.35
N VAL A 31 1.07 3.03 -7.72
CA VAL A 31 0.61 1.80 -7.10
C VAL A 31 1.62 1.31 -6.05
N TYR A 32 1.25 1.45 -4.78
CA TYR A 32 2.12 1.02 -3.69
C TYR A 32 1.55 -0.22 -2.99
N LEU A 33 2.41 -0.93 -2.28
CA LEU A 33 1.99 -2.14 -1.56
C LEU A 33 2.58 -2.16 -0.15
N LEU A 34 1.71 -2.03 0.84
CA LEU A 34 2.13 -2.03 2.23
C LEU A 34 1.65 -3.30 2.94
N ASP A 35 2.59 -4.09 3.44
CA ASP A 35 2.28 -5.32 4.14
C ASP A 35 2.37 -5.14 5.64
N THR A 36 1.23 -5.19 6.32
CA THR A 36 1.19 -5.01 7.77
C THR A 36 0.91 -6.34 8.47
N TRP A 37 1.04 -6.34 9.80
CA TRP A 37 0.80 -7.54 10.58
C TRP A 37 -0.67 -7.95 10.53
N ASP A 38 -1.54 -6.96 10.50
CA ASP A 38 -2.98 -7.21 10.46
C ASP A 38 -3.42 -7.61 9.06
N GLN A 39 -2.97 -6.85 8.06
CA GLN A 39 -3.32 -7.12 6.67
C GLN A 39 -2.60 -6.17 5.73
N ILE A 40 -2.59 -6.50 4.45
CA ILE A 40 -1.94 -5.67 3.44
C ILE A 40 -2.84 -4.52 3.01
N PHE A 41 -2.28 -3.31 2.98
CA PHE A 41 -3.03 -2.12 2.59
C PHE A 41 -2.73 -1.74 1.15
N PHE A 42 -3.71 -1.90 0.28
CA PHE A 42 -3.55 -1.58 -1.14
C PHE A 42 -3.97 -0.14 -1.42
N TRP A 43 -3.00 0.72 -1.65
CA TRP A 43 -3.27 2.13 -1.93
C TRP A 43 -3.25 2.41 -3.43
N ILE A 44 -4.44 2.62 -4.00
CA ILE A 44 -4.55 2.90 -5.44
C ILE A 44 -5.04 4.31 -5.68
N GLY A 45 -4.18 5.15 -6.28
CA GLY A 45 -4.54 6.51 -6.57
C GLY A 45 -5.47 6.63 -7.76
N LYS A 46 -5.58 7.84 -8.31
CA LYS A 46 -6.43 8.08 -9.47
C LYS A 46 -5.64 7.96 -10.77
N GLY A 47 -4.36 8.32 -10.72
CA GLY A 47 -3.53 8.24 -11.89
C GLY A 47 -3.07 6.83 -12.19
N ALA A 48 -2.90 6.02 -11.14
CA ALA A 48 -2.47 4.65 -11.30
C ALA A 48 -3.32 3.92 -12.33
N ASN A 49 -2.66 3.36 -13.34
CA ASN A 49 -3.35 2.63 -14.40
C ASN A 49 -4.08 1.40 -13.84
N GLU A 50 -4.96 0.83 -14.64
CA GLU A 50 -5.71 -0.35 -14.23
C GLU A 50 -4.82 -1.59 -14.21
N SER A 51 -3.86 -1.62 -15.13
CA SER A 51 -2.93 -2.74 -15.22
C SER A 51 -1.93 -2.73 -14.08
N GLU A 52 -1.37 -1.55 -13.80
CA GLU A 52 -0.39 -1.39 -12.74
C GLU A 52 -0.92 -1.97 -11.43
N LYS A 53 -2.15 -1.60 -11.07
CA LYS A 53 -2.77 -2.09 -9.85
C LYS A 53 -2.92 -3.61 -9.88
N GLU A 54 -3.09 -4.15 -11.09
CA GLU A 54 -3.25 -5.59 -11.25
C GLU A 54 -1.91 -6.31 -11.11
N ALA A 55 -0.94 -5.91 -11.93
CA ALA A 55 0.38 -6.51 -11.90
C ALA A 55 1.05 -6.30 -10.55
N ALA A 56 1.06 -5.06 -10.09
CA ALA A 56 1.66 -4.72 -8.80
C ALA A 56 1.00 -5.49 -7.67
N ALA A 57 -0.26 -5.86 -7.86
CA ALA A 57 -1.00 -6.60 -6.85
C ALA A 57 -0.52 -8.05 -6.76
N GLU A 58 -0.33 -8.68 -7.92
CA GLU A 58 0.12 -10.06 -7.98
C GLU A 58 1.60 -10.16 -7.62
N THR A 59 2.39 -9.22 -8.12
CA THR A 59 3.82 -9.21 -7.85
C THR A 59 4.10 -9.17 -6.35
N ALA A 60 3.23 -8.49 -5.61
CA ALA A 60 3.38 -8.37 -4.16
C ALA A 60 3.14 -9.71 -3.49
N GLN A 61 2.13 -10.44 -3.95
CA GLN A 61 1.79 -11.74 -3.38
C GLN A 61 3.02 -12.64 -3.31
N GLU A 62 3.92 -12.46 -4.27
CA GLU A 62 5.15 -13.27 -4.31
C GLU A 62 5.95 -13.11 -3.03
N TYR A 63 6.00 -11.89 -2.51
CA TYR A 63 6.73 -11.60 -1.28
C TYR A 63 6.00 -12.17 -0.07
N LEU A 64 4.67 -12.04 -0.07
CA LEU A 64 3.85 -12.54 1.03
C LEU A 64 4.15 -14.01 1.30
N ARG A 65 4.29 -14.79 0.24
CA ARG A 65 4.58 -16.21 0.36
C ARG A 65 5.93 -16.44 1.03
N SER A 66 6.83 -15.48 0.87
CA SER A 66 8.17 -15.57 1.46
C SER A 66 8.08 -15.72 2.98
N HIS A 67 7.00 -15.21 3.55
CA HIS A 67 6.80 -15.27 5.00
C HIS A 67 5.80 -16.38 5.36
N PRO A 68 5.84 -16.82 6.62
CA PRO A 68 4.94 -17.87 7.12
C PRO A 68 3.49 -17.39 7.22
N GLY A 69 2.68 -18.13 7.97
CA GLY A 69 1.28 -17.77 8.13
C GLY A 69 0.34 -18.87 7.68
N SER A 70 -0.91 -18.77 8.09
CA SER A 70 -1.91 -19.78 7.73
C SER A 70 -2.85 -19.25 6.65
N ARG A 71 -3.75 -18.36 7.04
CA ARG A 71 -4.71 -17.78 6.10
C ARG A 71 -4.34 -16.34 5.78
N ASP A 72 -3.06 -16.00 5.96
CA ASP A 72 -2.58 -14.65 5.70
C ASP A 72 -2.88 -14.25 4.25
N LEU A 73 -3.02 -15.24 3.39
CA LEU A 73 -3.30 -14.99 1.97
C LEU A 73 -4.80 -14.98 1.71
N ASP A 74 -5.54 -15.75 2.51
CA ASP A 74 -6.99 -15.83 2.36
C ASP A 74 -7.65 -14.55 2.87
N THR A 75 -6.96 -13.84 3.75
CA THR A 75 -7.48 -12.61 4.33
C THR A 75 -7.67 -11.55 3.26
N PRO A 76 -8.84 -10.89 3.25
CA PRO A 76 -9.17 -9.85 2.29
C PRO A 76 -8.36 -8.57 2.52
N ILE A 77 -8.10 -7.84 1.44
CA ILE A 77 -7.32 -6.60 1.53
C ILE A 77 -8.26 -5.39 1.52
N ILE A 78 -7.88 -4.37 2.28
CA ILE A 78 -8.68 -3.15 2.36
C ILE A 78 -8.32 -2.20 1.23
N VAL A 79 -9.17 -2.16 0.20
CA VAL A 79 -8.94 -1.29 -0.95
C VAL A 79 -9.04 0.18 -0.54
N VAL A 80 -8.16 1.01 -1.12
CA VAL A 80 -8.13 2.43 -0.82
C VAL A 80 -8.23 3.26 -2.10
N LYS A 81 -9.02 4.32 -2.03
CA LYS A 81 -9.20 5.20 -3.19
C LYS A 81 -8.38 6.49 -3.03
N GLN A 82 -8.23 7.23 -4.12
CA GLN A 82 -7.48 8.47 -4.11
C GLN A 82 -8.29 9.59 -3.49
N GLY A 83 -7.84 10.09 -2.34
CA GLY A 83 -8.54 11.17 -1.66
C GLY A 83 -8.95 10.78 -0.26
N PHE A 84 -8.40 9.69 0.26
CA PHE A 84 -8.72 9.22 1.60
C PHE A 84 -7.47 8.70 2.30
N GLU A 85 -7.04 9.44 3.33
CA GLU A 85 -5.86 9.06 4.08
C GLU A 85 -6.20 8.82 5.55
N PRO A 86 -6.55 7.57 5.89
CA PRO A 86 -6.91 7.19 7.26
C PRO A 86 -5.71 7.21 8.20
N PRO A 87 -5.96 7.63 9.45
CA PRO A 87 -4.91 7.71 10.48
C PRO A 87 -4.44 6.33 10.92
N THR A 88 -5.22 5.30 10.58
CA THR A 88 -4.88 3.93 10.96
C THR A 88 -3.75 3.39 10.09
N PHE A 89 -3.87 3.56 8.78
CA PHE A 89 -2.86 3.10 7.86
C PHE A 89 -1.52 3.76 8.13
N THR A 90 -1.54 5.08 8.32
CA THR A 90 -0.32 5.83 8.58
C THR A 90 0.48 5.21 9.72
N GLY A 91 -0.24 4.67 10.72
CA GLY A 91 0.43 4.05 11.84
C GLY A 91 1.37 2.94 11.43
N TRP A 92 1.17 2.42 10.22
CA TRP A 92 2.02 1.35 9.70
C TRP A 92 3.40 1.87 9.34
N PHE A 93 3.54 3.19 9.32
CA PHE A 93 4.81 3.82 8.99
C PHE A 93 5.65 4.03 10.23
N MET A 94 6.90 4.45 10.04
CA MET A 94 7.82 4.70 11.15
C MET A 94 7.58 6.08 11.75
N ALA A 95 6.93 6.96 10.99
CA ALA A 95 6.64 8.31 11.45
C ALA A 95 5.18 8.45 11.84
N TRP A 96 4.93 8.55 13.15
CA TRP A 96 3.57 8.70 13.65
C TRP A 96 2.85 9.86 12.97
N ASP A 97 1.53 9.86 13.06
CA ASP A 97 0.72 10.92 12.45
C ASP A 97 -0.10 11.65 13.50
N PRO A 98 -0.16 12.99 13.38
CA PRO A 98 -0.91 13.84 14.31
C PRO A 98 -2.41 13.66 14.17
N LEU A 99 -2.84 12.96 13.12
CA LEU A 99 -4.25 12.72 12.86
C LEU A 99 -4.71 11.43 13.54
N CYS A 100 -3.86 10.89 14.40
CA CYS A 100 -4.18 9.65 15.11
C CYS A 100 -5.25 9.90 16.17
N TRP A 101 -5.50 11.17 16.47
CA TRP A 101 -6.50 11.54 17.46
C TRP A 101 -7.86 11.79 16.81
N SER A 102 -8.00 11.34 15.57
CA SER A 102 -9.24 11.51 14.83
C SER A 102 -10.38 10.76 15.51
N ASP A 103 -10.03 9.86 16.41
CA ASP A 103 -11.03 9.08 17.14
C ASP A 103 -11.31 9.69 18.50
N ARG A 104 -10.27 10.20 19.15
CA ARG A 104 -10.41 10.81 20.46
C ARG A 104 -11.43 11.95 20.43
N LYS A 105 -11.55 12.59 19.28
CA LYS A 105 -12.50 13.69 19.11
C LYS A 105 -13.91 13.17 18.88
N SER A 106 -14.01 11.91 18.45
CA SER A 106 -15.30 11.29 18.19
C SER A 106 -15.72 10.40 19.36
N TYR A 107 -16.93 10.65 19.87
CA TYR A 107 -17.45 9.88 20.99
C TYR A 107 -18.17 8.62 20.50
N PRO A 1 7.74 -4.30 5.55
CA PRO A 1 7.66 -2.92 6.03
C PRO A 1 8.20 -1.92 5.02
N ARG A 2 8.22 -2.33 3.75
CA ARG A 2 8.71 -1.48 2.67
C ARG A 2 7.63 -1.25 1.62
N LEU A 3 7.82 -0.23 0.79
CA LEU A 3 6.86 0.09 -0.26
C LEU A 3 7.28 -0.56 -1.58
N PHE A 4 6.44 -0.39 -2.60
CA PHE A 4 6.72 -0.96 -3.92
C PHE A 4 6.04 -0.14 -5.01
N GLU A 5 6.80 0.74 -5.65
CA GLU A 5 6.27 1.58 -6.71
C GLU A 5 6.40 0.88 -8.07
N CYS A 6 5.26 0.54 -8.65
CA CYS A 6 5.23 -0.13 -9.95
C CYS A 6 4.34 0.62 -10.93
N SER A 7 4.96 1.24 -11.94
CA SER A 7 4.21 1.98 -12.94
C SER A 7 4.76 1.72 -14.33
N ASN A 8 3.92 1.91 -15.34
CA ASN A 8 4.34 1.70 -16.73
C ASN A 8 4.84 2.99 -17.36
N LYS A 9 5.89 2.89 -18.17
CA LYS A 9 6.47 4.05 -18.84
C LYS A 9 5.57 4.52 -19.97
N THR A 10 5.28 3.63 -20.91
CA THR A 10 4.44 3.97 -22.05
C THR A 10 3.44 2.85 -22.33
N GLY A 11 3.96 1.65 -22.56
CA GLY A 11 3.09 0.52 -22.84
C GLY A 11 3.50 -0.72 -22.08
N ARG A 12 4.52 -0.60 -21.24
CA ARG A 12 5.01 -1.72 -20.45
C ARG A 12 5.01 -1.37 -18.96
N PHE A 13 4.54 -2.31 -18.14
CA PHE A 13 4.50 -2.11 -16.70
C PHE A 13 5.83 -2.45 -16.06
N LEU A 14 6.24 -1.64 -15.08
CA LEU A 14 7.50 -1.86 -14.37
C LEU A 14 7.27 -2.05 -12.88
N ALA A 15 7.88 -3.07 -12.32
CA ALA A 15 7.75 -3.35 -10.89
C ALA A 15 9.04 -3.06 -10.15
N THR A 16 8.99 -2.15 -9.18
CA THR A 16 10.16 -1.79 -8.41
C THR A 16 9.82 -1.71 -6.92
N GLU A 17 10.84 -1.88 -6.08
CA GLU A 17 10.66 -1.83 -4.63
C GLU A 17 11.22 -0.54 -4.06
N ILE A 18 10.58 -0.04 -3.00
CA ILE A 18 11.02 1.20 -2.36
C ILE A 18 11.16 1.01 -0.85
N VAL A 19 12.40 1.12 -0.37
CA VAL A 19 12.67 0.96 1.06
C VAL A 19 11.68 1.75 1.90
N ASP A 20 11.40 1.26 3.10
CA ASP A 20 10.47 1.91 4.00
C ASP A 20 10.70 3.42 4.02
N PHE A 21 9.91 4.14 3.22
CA PHE A 21 10.04 5.59 3.15
C PHE A 21 8.83 6.28 3.79
N THR A 22 8.87 7.61 3.85
CA THR A 22 7.78 8.37 4.43
C THR A 22 6.82 8.88 3.36
N GLN A 23 5.73 9.50 3.79
CA GLN A 23 4.74 10.03 2.86
C GLN A 23 5.33 11.11 1.98
N ASP A 24 6.46 11.68 2.42
CA ASP A 24 7.13 12.73 1.66
C ASP A 24 7.48 12.24 0.26
N ASP A 25 8.08 11.06 0.18
CA ASP A 25 8.47 10.48 -1.10
C ASP A 25 7.26 9.88 -1.81
N LEU A 26 6.14 9.79 -1.10
CA LEU A 26 4.92 9.23 -1.67
C LEU A 26 4.45 10.04 -2.87
N ASP A 27 4.70 9.53 -4.07
CA ASP A 27 4.31 10.22 -5.29
C ASP A 27 2.83 10.60 -5.25
N GLU A 28 2.41 11.41 -6.20
CA GLU A 28 1.02 11.86 -6.27
C GLU A 28 0.09 10.69 -6.59
N ASN A 29 0.25 10.14 -7.80
CA ASN A 29 -0.59 9.02 -8.23
C ASN A 29 0.29 7.85 -8.68
N ASP A 30 0.46 6.87 -7.81
CA ASP A 30 1.26 5.70 -8.12
C ASP A 30 0.72 4.46 -7.41
N VAL A 31 1.21 3.29 -7.80
CA VAL A 31 0.77 2.03 -7.19
C VAL A 31 1.80 1.54 -6.17
N TYR A 32 1.45 1.65 -4.90
CA TYR A 32 2.34 1.21 -3.82
C TYR A 32 1.81 -0.05 -3.15
N LEU A 33 2.65 -0.70 -2.36
CA LEU A 33 2.27 -1.92 -1.67
C LEU A 33 2.89 -1.97 -0.27
N LEU A 34 2.04 -1.86 0.75
CA LEU A 34 2.50 -1.90 2.12
C LEU A 34 2.03 -3.17 2.83
N ASP A 35 2.93 -4.13 2.97
CA ASP A 35 2.60 -5.40 3.62
C ASP A 35 2.86 -5.31 5.13
N THR A 36 1.79 -5.37 5.91
CA THR A 36 1.90 -5.29 7.37
C THR A 36 1.68 -6.67 8.00
N TRP A 37 1.85 -6.74 9.31
CA TRP A 37 1.67 -7.98 10.05
C TRP A 37 0.21 -8.43 10.01
N ASP A 38 -0.70 -7.47 10.07
CA ASP A 38 -2.13 -7.77 10.05
C ASP A 38 -2.60 -8.04 8.62
N GLN A 39 -2.18 -7.18 7.70
CA GLN A 39 -2.58 -7.33 6.29
C GLN A 39 -1.88 -6.28 5.43
N ILE A 40 -1.90 -6.50 4.12
CA ILE A 40 -1.26 -5.58 3.18
C ILE A 40 -2.24 -4.51 2.72
N PHE A 41 -1.82 -3.25 2.79
CA PHE A 41 -2.67 -2.13 2.38
C PHE A 41 -2.39 -1.74 0.93
N PHE A 42 -3.39 -1.90 0.08
CA PHE A 42 -3.25 -1.56 -1.34
C PHE A 42 -3.70 -0.14 -1.60
N TRP A 43 -2.75 0.75 -1.86
CA TRP A 43 -3.05 2.15 -2.13
C TRP A 43 -3.04 2.43 -3.62
N ILE A 44 -4.22 2.73 -4.17
CA ILE A 44 -4.36 3.02 -5.59
C ILE A 44 -4.91 4.42 -5.82
N GLY A 45 -4.08 5.29 -6.40
CA GLY A 45 -4.49 6.65 -6.66
C GLY A 45 -5.40 6.75 -7.87
N LYS A 46 -5.54 7.97 -8.39
CA LYS A 46 -6.38 8.21 -9.56
C LYS A 46 -5.56 8.16 -10.85
N GLY A 47 -4.29 8.58 -10.75
CA GLY A 47 -3.43 8.57 -11.91
C GLY A 47 -2.93 7.18 -12.26
N ALA A 48 -2.73 6.35 -11.25
CA ALA A 48 -2.26 4.99 -11.44
C ALA A 48 -3.09 4.27 -12.50
N ASN A 49 -2.43 3.69 -13.49
CA ASN A 49 -3.10 2.98 -14.56
C ASN A 49 -3.84 1.75 -14.02
N GLU A 50 -4.74 1.20 -14.83
CA GLU A 50 -5.51 0.03 -14.42
C GLU A 50 -4.63 -1.23 -14.43
N SER A 51 -3.66 -1.25 -15.33
CA SER A 51 -2.76 -2.39 -15.44
C SER A 51 -1.75 -2.40 -14.29
N GLU A 52 -1.19 -1.24 -13.98
CA GLU A 52 -0.22 -1.11 -12.90
C GLU A 52 -0.76 -1.71 -11.61
N LYS A 53 -1.99 -1.32 -11.25
CA LYS A 53 -2.62 -1.82 -10.04
C LYS A 53 -2.81 -3.33 -10.11
N GLU A 54 -2.97 -3.85 -11.32
CA GLU A 54 -3.17 -5.28 -11.51
C GLU A 54 -1.84 -6.03 -11.38
N ALA A 55 -0.86 -5.64 -12.19
CA ALA A 55 0.46 -6.28 -12.15
C ALA A 55 1.11 -6.10 -10.79
N ALA A 56 1.13 -4.86 -10.30
CA ALA A 56 1.73 -4.56 -9.01
C ALA A 56 1.04 -5.34 -7.88
N ALA A 57 -0.22 -5.69 -8.10
CA ALA A 57 -0.99 -6.44 -7.11
C ALA A 57 -0.54 -7.89 -7.06
N GLU A 58 -0.34 -8.50 -8.22
CA GLU A 58 0.09 -9.89 -8.30
C GLU A 58 1.57 -10.02 -7.93
N THR A 59 2.37 -9.08 -8.40
CA THR A 59 3.81 -9.09 -8.12
C THR A 59 4.07 -9.18 -6.62
N ALA A 60 3.20 -8.57 -5.84
CA ALA A 60 3.33 -8.58 -4.39
C ALA A 60 3.08 -9.98 -3.82
N GLN A 61 2.07 -10.65 -4.35
CA GLN A 61 1.72 -11.99 -3.90
C GLN A 61 2.95 -12.90 -3.91
N GLU A 62 3.86 -12.65 -4.84
CA GLU A 62 5.08 -13.44 -4.96
C GLU A 62 5.87 -13.41 -3.65
N TYR A 63 5.93 -12.25 -3.03
CA TYR A 63 6.66 -12.09 -1.78
C TYR A 63 5.92 -12.76 -0.62
N LEU A 64 4.59 -12.63 -0.63
CA LEU A 64 3.77 -13.21 0.42
C LEU A 64 4.05 -14.71 0.55
N ARG A 65 4.40 -15.35 -0.56
CA ARG A 65 4.70 -16.77 -0.56
C ARG A 65 5.85 -17.09 0.39
N SER A 66 6.64 -16.07 0.71
CA SER A 66 7.79 -16.24 1.60
C SER A 66 7.37 -16.94 2.89
N HIS A 67 6.23 -16.53 3.43
CA HIS A 67 5.71 -17.12 4.66
C HIS A 67 4.24 -17.51 4.51
N PRO A 68 3.77 -18.41 5.39
CA PRO A 68 2.38 -18.88 5.38
C PRO A 68 1.40 -17.79 5.80
N GLY A 69 1.20 -17.68 7.11
CA GLY A 69 0.28 -16.68 7.63
C GLY A 69 -0.78 -17.27 8.54
N SER A 70 -1.44 -16.43 9.31
CA SER A 70 -2.48 -16.87 10.23
C SER A 70 -3.87 -16.57 9.69
N ARG A 71 -4.25 -15.29 9.75
CA ARG A 71 -5.55 -14.86 9.26
C ARG A 71 -5.41 -14.12 7.94
N ASP A 72 -4.32 -14.36 7.24
CA ASP A 72 -4.07 -13.72 5.95
C ASP A 72 -5.18 -14.05 4.95
N LEU A 73 -5.90 -15.13 5.21
CA LEU A 73 -6.99 -15.55 4.34
C LEU A 73 -8.31 -14.94 4.77
N ASP A 74 -8.62 -15.06 6.06
CA ASP A 74 -9.86 -14.51 6.61
C ASP A 74 -9.83 -12.99 6.58
N THR A 75 -8.64 -12.42 6.46
CA THR A 75 -8.48 -10.98 6.42
C THR A 75 -7.92 -10.52 5.08
N PRO A 76 -8.81 -10.17 4.15
CA PRO A 76 -8.42 -9.71 2.81
C PRO A 76 -7.76 -8.33 2.84
N ILE A 77 -7.23 -7.91 1.70
CA ILE A 77 -6.58 -6.61 1.59
C ILE A 77 -7.60 -5.48 1.60
N ILE A 78 -7.26 -4.40 2.28
CA ILE A 78 -8.15 -3.24 2.37
C ILE A 78 -7.90 -2.28 1.21
N VAL A 79 -8.77 -2.31 0.21
CA VAL A 79 -8.64 -1.43 -0.95
C VAL A 79 -8.74 0.03 -0.54
N VAL A 80 -7.92 0.87 -1.16
CA VAL A 80 -7.92 2.30 -0.87
C VAL A 80 -8.10 3.12 -2.14
N LYS A 81 -8.73 4.29 -1.99
CA LYS A 81 -8.97 5.17 -3.13
C LYS A 81 -8.15 6.45 -3.01
N GLN A 82 -8.05 7.18 -4.11
CA GLN A 82 -7.28 8.43 -4.13
C GLN A 82 -8.08 9.56 -3.48
N GLY A 83 -7.58 10.03 -2.33
CA GLY A 83 -8.26 11.10 -1.63
C GLY A 83 -8.66 10.72 -0.22
N PHE A 84 -8.10 9.62 0.26
CA PHE A 84 -8.40 9.14 1.62
C PHE A 84 -7.15 8.59 2.28
N GLU A 85 -6.68 9.29 3.31
CA GLU A 85 -5.49 8.87 4.05
C GLU A 85 -5.81 8.60 5.51
N PRO A 86 -6.18 7.35 5.82
CA PRO A 86 -6.52 6.94 7.18
C PRO A 86 -5.31 6.92 8.10
N PRO A 87 -5.51 7.31 9.37
CA PRO A 87 -4.45 7.35 10.38
C PRO A 87 -3.99 5.96 10.79
N THR A 88 -4.79 4.94 10.43
CA THR A 88 -4.46 3.57 10.77
C THR A 88 -3.34 3.04 9.88
N PHE A 89 -3.46 3.25 8.57
CA PHE A 89 -2.47 2.80 7.61
C PHE A 89 -1.13 3.51 7.86
N THR A 90 -1.18 4.83 8.02
CA THR A 90 0.02 5.62 8.25
C THR A 90 0.85 5.03 9.39
N GLY A 91 0.17 4.49 10.40
CA GLY A 91 0.86 3.91 11.53
C GLY A 91 1.84 2.83 11.12
N TRP A 92 1.63 2.26 9.94
CA TRP A 92 2.50 1.21 9.43
C TRP A 92 3.85 1.78 9.00
N PHE A 93 3.89 3.08 8.75
CA PHE A 93 5.11 3.76 8.33
C PHE A 93 6.00 4.07 9.54
N MET A 94 7.21 4.54 9.26
CA MET A 94 8.15 4.87 10.32
C MET A 94 7.83 6.23 10.93
N ALA A 95 7.00 7.01 10.23
CA ALA A 95 6.61 8.33 10.71
C ALA A 95 5.14 8.36 11.11
N TRP A 96 4.89 8.42 12.42
CA TRP A 96 3.53 8.45 12.94
C TRP A 96 2.73 9.58 12.30
N ASP A 97 1.41 9.49 12.40
CA ASP A 97 0.52 10.51 11.84
C ASP A 97 -0.24 11.23 12.94
N PRO A 98 -0.35 12.56 12.80
CA PRO A 98 -1.06 13.40 13.78
C PRO A 98 -2.56 13.18 13.76
N LEU A 99 -3.03 12.42 12.76
CA LEU A 99 -4.45 12.13 12.62
C LEU A 99 -4.82 10.85 13.38
N CYS A 100 -3.90 10.39 14.21
CA CYS A 100 -4.13 9.17 14.99
C CYS A 100 -5.19 9.41 16.07
N TRP A 101 -5.49 10.67 16.32
CA TRP A 101 -6.49 11.04 17.32
C TRP A 101 -7.87 11.17 16.69
N SER A 102 -8.01 10.68 15.46
CA SER A 102 -9.27 10.75 14.74
C SER A 102 -10.30 9.82 15.37
N ASP A 103 -9.85 8.96 16.27
CA ASP A 103 -10.72 8.03 16.95
C ASP A 103 -11.19 8.58 18.29
N ARG A 104 -10.39 9.47 18.86
CA ARG A 104 -10.72 10.08 20.15
C ARG A 104 -12.12 10.71 20.10
N LYS A 105 -12.43 11.35 18.99
CA LYS A 105 -13.73 12.00 18.83
C LYS A 105 -14.68 11.11 18.03
N SER A 106 -14.37 9.81 17.98
CA SER A 106 -15.19 8.86 17.24
C SER A 106 -15.96 7.95 18.21
N TYR A 107 -17.16 7.55 17.80
CA TYR A 107 -17.99 6.68 18.63
C TYR A 107 -18.51 5.50 17.82
N PRO A 1 8.25 -3.05 7.16
CA PRO A 1 7.44 -2.93 5.95
C PRO A 1 7.98 -1.88 4.98
N ARG A 2 8.07 -2.24 3.71
CA ARG A 2 8.58 -1.33 2.69
C ARG A 2 7.52 -1.06 1.62
N LEU A 3 7.86 -0.20 0.66
CA LEU A 3 6.93 0.13 -0.41
C LEU A 3 7.36 -0.53 -1.72
N PHE A 4 6.52 -0.39 -2.75
CA PHE A 4 6.82 -0.97 -4.06
C PHE A 4 6.12 -0.18 -5.17
N GLU A 5 6.89 0.67 -5.85
CA GLU A 5 6.34 1.48 -6.93
C GLU A 5 6.43 0.74 -8.26
N CYS A 6 5.27 0.37 -8.79
CA CYS A 6 5.21 -0.34 -10.06
C CYS A 6 4.27 0.35 -11.04
N SER A 7 4.83 0.94 -12.09
CA SER A 7 4.05 1.65 -13.09
C SER A 7 4.56 1.34 -14.50
N ASN A 8 3.68 1.49 -15.48
CA ASN A 8 4.04 1.23 -16.88
C ASN A 8 4.51 2.52 -17.56
N LYS A 9 5.53 2.39 -18.40
CA LYS A 9 6.07 3.54 -19.12
C LYS A 9 5.12 3.97 -20.24
N THR A 10 4.83 3.05 -21.15
CA THR A 10 3.94 3.33 -22.26
C THR A 10 2.96 2.19 -22.48
N GLY A 11 3.49 0.98 -22.69
CA GLY A 11 2.64 -0.18 -22.91
C GLY A 11 3.09 -1.38 -22.10
N ARG A 12 4.13 -1.21 -21.31
CA ARG A 12 4.67 -2.29 -20.50
C ARG A 12 4.71 -1.90 -19.02
N PHE A 13 4.30 -2.81 -18.16
CA PHE A 13 4.28 -2.56 -16.72
C PHE A 13 5.65 -2.86 -16.11
N LEU A 14 6.07 -2.01 -15.18
CA LEU A 14 7.36 -2.19 -14.51
C LEU A 14 7.18 -2.33 -13.00
N ALA A 15 7.82 -3.34 -12.43
CA ALA A 15 7.73 -3.58 -11.00
C ALA A 15 9.03 -3.21 -10.30
N THR A 16 8.95 -2.29 -9.35
CA THR A 16 10.11 -1.85 -8.60
C THR A 16 9.84 -1.81 -7.10
N GLU A 17 10.89 -1.91 -6.30
CA GLU A 17 10.75 -1.88 -4.85
C GLU A 17 11.32 -0.58 -4.27
N ILE A 18 10.70 -0.12 -3.19
CA ILE A 18 11.14 1.12 -2.55
C ILE A 18 11.23 0.93 -1.03
N VAL A 19 12.44 1.03 -0.50
CA VAL A 19 12.66 0.89 0.93
C VAL A 19 11.65 1.69 1.73
N ASP A 20 11.33 1.22 2.93
CA ASP A 20 10.37 1.90 3.79
C ASP A 20 10.63 3.41 3.81
N PHE A 21 9.89 4.13 2.98
CA PHE A 21 10.04 5.58 2.89
C PHE A 21 8.84 6.29 3.49
N THR A 22 8.90 7.62 3.54
CA THR A 22 7.80 8.41 4.09
C THR A 22 6.88 8.93 2.99
N GLN A 23 5.89 9.73 3.37
CA GLN A 23 4.94 10.27 2.42
C GLN A 23 5.61 11.32 1.52
N ASP A 24 6.75 11.83 1.97
CA ASP A 24 7.48 12.83 1.22
C ASP A 24 7.82 12.31 -0.17
N ASP A 25 8.36 11.10 -0.23
CA ASP A 25 8.73 10.48 -1.50
C ASP A 25 7.51 9.93 -2.22
N LEU A 26 6.38 9.91 -1.52
CA LEU A 26 5.15 9.40 -2.09
C LEU A 26 4.73 10.22 -3.31
N ASP A 27 4.98 9.67 -4.50
CA ASP A 27 4.63 10.35 -5.74
C ASP A 27 3.15 10.76 -5.73
N GLU A 28 2.76 11.50 -6.76
CA GLU A 28 1.38 11.97 -6.88
C GLU A 28 0.44 10.79 -7.17
N ASN A 29 0.60 10.19 -8.34
CA ASN A 29 -0.23 9.06 -8.75
C ASN A 29 0.62 7.87 -9.15
N ASP A 30 0.77 6.92 -8.24
CA ASP A 30 1.56 5.73 -8.50
C ASP A 30 1.00 4.52 -7.75
N VAL A 31 1.48 3.33 -8.10
CA VAL A 31 1.02 2.11 -7.45
C VAL A 31 2.02 1.63 -6.42
N TYR A 32 1.68 1.80 -5.15
CA TYR A 32 2.54 1.38 -4.05
C TYR A 32 2.00 0.14 -3.37
N LEU A 33 2.87 -0.56 -2.64
CA LEU A 33 2.48 -1.76 -1.92
C LEU A 33 3.06 -1.79 -0.52
N LEU A 34 2.19 -1.68 0.48
CA LEU A 34 2.61 -1.68 1.88
C LEU A 34 2.08 -2.92 2.60
N ASP A 35 2.90 -3.96 2.66
CA ASP A 35 2.52 -5.20 3.33
C ASP A 35 2.82 -5.13 4.82
N THR A 36 1.77 -5.10 5.63
CA THR A 36 1.91 -5.02 7.08
C THR A 36 1.59 -6.37 7.73
N TRP A 37 1.67 -6.41 9.06
CA TRP A 37 1.39 -7.63 9.80
C TRP A 37 -0.08 -8.00 9.69
N ASP A 38 -0.95 -7.06 10.06
CA ASP A 38 -2.40 -7.30 10.01
C ASP A 38 -2.84 -7.60 8.57
N GLN A 39 -2.37 -6.79 7.63
CA GLN A 39 -2.73 -6.97 6.23
C GLN A 39 -1.99 -5.95 5.35
N ILE A 40 -1.97 -6.22 4.05
CA ILE A 40 -1.31 -5.34 3.10
C ILE A 40 -2.23 -4.20 2.66
N PHE A 41 -1.75 -2.96 2.81
CA PHE A 41 -2.53 -1.79 2.43
C PHE A 41 -2.17 -1.33 1.03
N PHE A 42 -3.08 -1.51 0.09
CA PHE A 42 -2.86 -1.12 -1.29
C PHE A 42 -3.39 0.29 -1.54
N TRP A 43 -2.47 1.22 -1.80
CA TRP A 43 -2.85 2.61 -2.05
C TRP A 43 -2.85 2.90 -3.55
N ILE A 44 -4.04 2.99 -4.14
CA ILE A 44 -4.18 3.27 -5.56
C ILE A 44 -4.60 4.71 -5.80
N GLY A 45 -3.81 5.44 -6.57
CA GLY A 45 -4.12 6.83 -6.86
C GLY A 45 -5.11 6.96 -8.01
N LYS A 46 -5.18 8.16 -8.58
CA LYS A 46 -6.07 8.42 -9.69
C LYS A 46 -5.36 8.23 -11.04
N GLY A 47 -4.06 8.48 -11.04
CA GLY A 47 -3.28 8.34 -12.26
C GLY A 47 -2.86 6.90 -12.51
N ALA A 48 -2.65 6.15 -11.43
CA ALA A 48 -2.25 4.75 -11.53
C ALA A 48 -3.15 3.99 -12.49
N ASN A 49 -2.54 3.32 -13.47
CA ASN A 49 -3.30 2.56 -14.46
C ASN A 49 -3.98 1.35 -13.81
N GLU A 50 -4.94 0.77 -14.52
CA GLU A 50 -5.67 -0.38 -14.01
C GLU A 50 -4.80 -1.63 -14.02
N SER A 51 -3.88 -1.70 -14.99
CA SER A 51 -2.99 -2.84 -15.11
C SER A 51 -1.91 -2.82 -14.03
N GLU A 52 -1.35 -1.63 -13.81
CA GLU A 52 -0.30 -1.47 -12.80
C GLU A 52 -0.75 -2.04 -11.46
N LYS A 53 -1.93 -1.63 -11.01
CA LYS A 53 -2.48 -2.09 -9.74
C LYS A 53 -2.66 -3.61 -9.74
N GLU A 54 -2.91 -4.16 -10.93
CA GLU A 54 -3.11 -5.61 -11.07
C GLU A 54 -1.78 -6.34 -11.00
N ALA A 55 -0.85 -5.96 -11.89
CA ALA A 55 0.46 -6.59 -11.94
C ALA A 55 1.21 -6.38 -10.62
N ALA A 56 1.25 -5.13 -10.16
CA ALA A 56 1.94 -4.80 -8.92
C ALA A 56 1.35 -5.57 -7.75
N ALA A 57 0.08 -5.94 -7.85
CA ALA A 57 -0.59 -6.69 -6.80
C ALA A 57 -0.13 -8.15 -6.79
N GLU A 58 -0.07 -8.75 -7.97
CA GLU A 58 0.35 -10.14 -8.08
C GLU A 58 1.83 -10.30 -7.71
N THR A 59 2.64 -9.34 -8.13
CA THR A 59 4.07 -9.36 -7.86
C THR A 59 4.34 -9.36 -6.35
N ALA A 60 3.48 -8.66 -5.60
CA ALA A 60 3.62 -8.59 -4.16
C ALA A 60 3.30 -9.92 -3.50
N GLN A 61 2.26 -10.60 -4.01
CA GLN A 61 1.86 -11.89 -3.47
C GLN A 61 3.04 -12.84 -3.38
N GLU A 62 3.98 -12.70 -4.32
CA GLU A 62 5.17 -13.55 -4.35
C GLU A 62 5.94 -13.45 -3.03
N TYR A 63 6.04 -12.23 -2.50
CA TYR A 63 6.75 -12.00 -1.26
C TYR A 63 5.96 -12.55 -0.06
N LEU A 64 4.65 -12.37 -0.10
CA LEU A 64 3.78 -12.84 0.97
C LEU A 64 4.02 -14.33 1.25
N ARG A 65 4.38 -15.07 0.20
CA ARG A 65 4.64 -16.49 0.34
C ARG A 65 5.60 -16.77 1.48
N SER A 66 6.50 -15.83 1.74
CA SER A 66 7.48 -15.98 2.81
C SER A 66 6.79 -16.29 4.13
N HIS A 67 5.56 -15.83 4.27
CA HIS A 67 4.80 -16.05 5.49
C HIS A 67 3.42 -16.63 5.18
N PRO A 68 3.33 -17.97 5.16
CA PRO A 68 2.08 -18.68 4.87
C PRO A 68 1.06 -18.52 5.99
N GLY A 69 0.06 -19.40 5.98
CA GLY A 69 -0.98 -19.34 7.00
C GLY A 69 -2.38 -19.28 6.41
N SER A 70 -3.38 -19.55 7.23
CA SER A 70 -4.76 -19.53 6.79
C SER A 70 -5.46 -18.24 7.24
N ARG A 71 -4.72 -17.39 7.95
CA ARG A 71 -5.26 -16.14 8.45
C ARG A 71 -4.96 -15.00 7.48
N ASP A 72 -4.66 -15.35 6.23
CA ASP A 72 -4.34 -14.36 5.21
C ASP A 72 -5.50 -14.22 4.23
N LEU A 73 -6.36 -15.23 4.18
CA LEU A 73 -7.50 -15.22 3.27
C LEU A 73 -8.71 -14.55 3.93
N ASP A 74 -9.02 -14.96 5.15
CA ASP A 74 -10.14 -14.39 5.89
C ASP A 74 -10.03 -12.86 5.94
N THR A 75 -8.81 -12.35 5.89
CA THR A 75 -8.57 -10.93 5.94
C THR A 75 -8.01 -10.41 4.62
N PRO A 76 -8.91 -9.95 3.73
CA PRO A 76 -8.52 -9.44 2.42
C PRO A 76 -7.80 -8.10 2.51
N ILE A 77 -7.22 -7.67 1.40
CA ILE A 77 -6.50 -6.39 1.35
C ILE A 77 -7.46 -5.22 1.39
N ILE A 78 -7.12 -4.20 2.17
CA ILE A 78 -7.95 -3.02 2.30
C ILE A 78 -7.64 -2.01 1.18
N VAL A 79 -8.43 -2.06 0.12
CA VAL A 79 -8.26 -1.16 -1.02
C VAL A 79 -8.43 0.29 -0.59
N VAL A 80 -7.60 1.17 -1.16
CA VAL A 80 -7.66 2.59 -0.84
C VAL A 80 -7.80 3.43 -2.11
N LYS A 81 -8.61 4.48 -2.03
CA LYS A 81 -8.83 5.35 -3.16
C LYS A 81 -8.01 6.64 -3.02
N GLN A 82 -7.87 7.37 -4.14
CA GLN A 82 -7.11 8.61 -4.13
C GLN A 82 -7.91 9.74 -3.49
N GLY A 83 -7.46 10.20 -2.33
CA GLY A 83 -8.15 11.27 -1.63
C GLY A 83 -8.59 10.88 -0.24
N PHE A 84 -8.02 9.78 0.27
CA PHE A 84 -8.36 9.30 1.60
C PHE A 84 -7.12 8.75 2.31
N GLU A 85 -6.69 9.46 3.35
CA GLU A 85 -5.52 9.05 4.12
C GLU A 85 -5.88 8.79 5.58
N PRO A 86 -6.24 7.53 5.88
CA PRO A 86 -6.62 7.12 7.24
C PRO A 86 -5.43 7.11 8.19
N PRO A 87 -5.70 7.45 9.46
CA PRO A 87 -4.66 7.49 10.50
C PRO A 87 -4.15 6.10 10.87
N THR A 88 -4.92 5.08 10.50
CA THR A 88 -4.55 3.70 10.79
C THR A 88 -3.39 3.24 9.91
N PHE A 89 -3.51 3.49 8.61
CA PHE A 89 -2.47 3.11 7.67
C PHE A 89 -1.15 3.82 7.98
N THR A 90 -1.24 5.13 8.21
CA THR A 90 -0.06 5.93 8.52
C THR A 90 0.76 5.30 9.63
N GLY A 91 0.07 4.69 10.59
CA GLY A 91 0.74 4.07 11.71
C GLY A 91 1.77 3.03 11.26
N TRP A 92 1.59 2.53 10.04
CA TRP A 92 2.51 1.53 9.49
C TRP A 92 3.86 2.16 9.15
N PHE A 93 3.86 3.48 8.95
CA PHE A 93 5.09 4.19 8.62
C PHE A 93 5.94 4.40 9.87
N MET A 94 7.16 4.90 9.66
CA MET A 94 8.07 5.16 10.78
C MET A 94 7.76 6.49 11.46
N ALA A 95 6.99 7.33 10.77
CA ALA A 95 6.61 8.63 11.30
C ALA A 95 5.15 8.66 11.71
N TRP A 96 4.90 8.67 13.01
CA TRP A 96 3.54 8.69 13.54
C TRP A 96 2.76 9.87 12.97
N ASP A 97 1.44 9.80 13.07
CA ASP A 97 0.57 10.86 12.58
C ASP A 97 -0.28 11.45 13.69
N PRO A 98 -0.41 12.78 13.71
CA PRO A 98 -1.20 13.49 14.72
C PRO A 98 -2.69 13.25 14.57
N LEU A 99 -3.07 12.63 13.46
CA LEU A 99 -4.48 12.33 13.20
C LEU A 99 -4.87 10.97 13.77
N CYS A 100 -3.99 10.40 14.59
CA CYS A 100 -4.24 9.10 15.20
C CYS A 100 -5.32 9.20 16.27
N TRP A 101 -5.65 10.43 16.66
CA TRP A 101 -6.67 10.67 17.67
C TRP A 101 -8.04 10.86 17.02
N SER A 102 -8.15 10.51 15.75
CA SER A 102 -9.40 10.65 15.02
C SER A 102 -10.47 9.73 15.59
N ASP A 103 -10.05 8.78 16.41
CA ASP A 103 -10.96 7.84 17.04
C ASP A 103 -11.45 8.35 18.39
N ARG A 104 -10.62 9.17 19.02
CA ARG A 104 -10.95 9.74 20.33
C ARG A 104 -12.31 10.44 20.29
N LYS A 105 -12.61 11.07 19.16
CA LYS A 105 -13.86 11.78 18.99
C LYS A 105 -14.99 10.81 18.63
N SER A 106 -14.62 9.64 18.14
CA SER A 106 -15.61 8.63 17.76
C SER A 106 -15.67 7.52 18.81
N TYR A 107 -16.51 6.52 18.55
CA TYR A 107 -16.67 5.41 19.47
C TYR A 107 -15.68 4.29 19.15
#